data_3D3S
#
_entry.id   3D3S
#
_cell.length_a   69.160
_cell.length_b   63.145
_cell.length_c   77.331
_cell.angle_alpha   90.00
_cell.angle_beta   96.06
_cell.angle_gamma   90.00
#
_symmetry.space_group_name_H-M   'P 1 21 1'
#
loop_
_entity.id
_entity.type
_entity.pdbx_description
1 polymer 'L-2,4-diaminobutyric acid acetyltransferase'
2 non-polymer 'SULFATE ION'
3 non-polymer GLYCEROL
4 non-polymer '2,4-DIAMINOBUTYRIC ACID'
5 water water
#
_entity_poly.entity_id   1
_entity_poly.type   'polypeptide(L)'
_entity_poly.pdbx_seq_one_letter_code
;SNA(MSE)RKDETSNTSPDISVAQPASALRYHLRPPRRNDGAAIHQLVSECPPLDLNSLYAYLLLCEHHAHTCVVAESPG
GRIDGFVSAYLLPTRPDVLFVWQVAVHSRARGHRLGRA(MSE)LGHILERQECRHVRHLETTVGPDNQASRRTFAGLAGE
RGAHVSEQPFFDRQAFGGADHDDE(MSE)LLRIGPFTHPPH
;
_entity_poly.pdbx_strand_id   A,B,C,D
#
loop_
_chem_comp.id
_chem_comp.type
_chem_comp.name
_chem_comp.formula
GOL non-polymer GLYCEROL 'C3 H8 O3'
SO4 non-polymer 'SULFATE ION' 'O4 S -2'
#
# COMPACT_ATOMS: atom_id res chain seq x y z
N ARG A 26 -14.87 10.73 19.45
CA ARG A 26 -14.90 9.39 20.08
C ARG A 26 -15.21 8.25 19.07
N TYR A 27 -14.74 7.06 19.37
CA TYR A 27 -14.82 5.95 18.44
C TYR A 27 -15.62 4.91 19.15
N HIS A 28 -16.34 4.07 18.41
CA HIS A 28 -16.84 2.81 18.97
C HIS A 28 -16.01 1.66 18.35
N LEU A 29 -15.94 0.53 19.05
CA LEU A 29 -15.14 -0.60 18.66
C LEU A 29 -16.08 -1.73 18.26
N ARG A 30 -15.79 -2.40 17.17
CA ARG A 30 -16.64 -3.56 16.74
C ARG A 30 -15.79 -4.51 15.91
N PRO A 31 -16.19 -5.78 15.79
CA PRO A 31 -15.54 -6.69 14.84
C PRO A 31 -15.69 -6.11 13.44
N PRO A 32 -14.73 -6.38 12.56
CA PRO A 32 -14.94 -5.91 11.19
C PRO A 32 -16.01 -6.78 10.48
N ARG A 33 -16.54 -6.26 9.39
CA ARG A 33 -17.49 -6.99 8.51
C ARG A 33 -16.77 -7.10 7.17
N ARG A 34 -17.24 -8.00 6.31
CA ARG A 34 -16.58 -8.21 5.04
C ARG A 34 -16.37 -6.96 4.20
N ASN A 35 -17.36 -6.08 4.20
CA ASN A 35 -17.24 -4.83 3.44
C ASN A 35 -16.33 -3.74 4.05
N ASP A 36 -15.66 -4.07 5.17
CA ASP A 36 -14.71 -3.13 5.76
C ASP A 36 -13.35 -3.33 5.11
N GLY A 37 -13.19 -4.40 4.32
CA GLY A 37 -11.83 -4.73 3.78
C GLY A 37 -11.12 -3.57 3.08
N ALA A 38 -11.84 -2.83 2.21
CA ALA A 38 -11.22 -1.73 1.46
C ALA A 38 -10.79 -0.61 2.40
N ALA A 39 -11.64 -0.27 3.35
CA ALA A 39 -11.28 0.82 4.28
C ALA A 39 -10.12 0.43 5.19
N ILE A 40 -10.06 -0.86 5.58
CA ILE A 40 -8.98 -1.29 6.46
C ILE A 40 -7.70 -1.29 5.66
N HIS A 41 -7.76 -1.78 4.44
CA HIS A 41 -6.60 -1.70 3.54
C HIS A 41 -6.10 -0.25 3.29
N GLN A 42 -7.03 0.67 3.06
CA GLN A 42 -6.66 2.08 2.92
C GLN A 42 -6.05 2.61 4.22
N LEU A 43 -6.67 2.29 5.37
CA LEU A 43 -6.10 2.71 6.69
C LEU A 43 -4.65 2.21 6.83
N VAL A 44 -4.39 0.94 6.55
CA VAL A 44 -2.99 0.48 6.67
C VAL A 44 -2.08 1.23 5.70
N SER A 45 -2.52 1.44 4.44
N SER A 45 -2.57 1.44 4.47
CA SER A 45 -1.69 2.22 3.48
CA SER A 45 -1.84 2.22 3.43
C SER A 45 -1.31 3.60 4.03
C SER A 45 -1.49 3.65 3.84
N GLU A 46 -2.20 4.20 4.84
CA GLU A 46 -1.95 5.56 5.35
C GLU A 46 -1.31 5.53 6.74
N CYS A 47 -0.86 4.36 7.17
CA CYS A 47 -0.10 4.27 8.41
C CYS A 47 1.32 3.70 8.19
N PRO A 48 2.13 4.32 7.28
CA PRO A 48 3.48 3.77 7.18
C PRO A 48 4.13 3.96 8.58
N PRO A 49 5.00 3.04 9.00
CA PRO A 49 5.66 2.09 8.14
C PRO A 49 5.06 0.68 8.23
N LEU A 50 3.81 0.52 8.68
CA LEU A 50 3.20 -0.81 8.72
C LEU A 50 3.40 -1.44 7.36
N ASP A 51 3.68 -2.75 7.31
CA ASP A 51 3.79 -3.48 6.03
C ASP A 51 2.35 -3.54 5.44
N LEU A 52 2.21 -3.16 4.18
CA LEU A 52 0.89 -3.24 3.55
C LEU A 52 0.75 -4.64 2.93
N ASN A 53 -0.35 -5.31 3.12
CA ASN A 53 -0.61 -6.55 2.39
C ASN A 53 -1.66 -6.30 1.33
N SER A 54 -1.95 -7.31 0.52
CA SER A 54 -2.91 -7.14 -0.57
C SER A 54 -4.29 -6.84 0.02
N LEU A 55 -5.13 -6.24 -0.77
CA LEU A 55 -6.54 -6.08 -0.34
C LEU A 55 -7.17 -7.37 0.16
N TYR A 56 -6.98 -8.43 -0.62
CA TYR A 56 -7.54 -9.71 -0.31
C TYR A 56 -7.09 -10.23 1.04
N ALA A 57 -5.85 -9.95 1.45
CA ALA A 57 -5.42 -10.39 2.79
C ALA A 57 -6.29 -9.77 3.86
N TYR A 58 -6.62 -8.47 3.70
CA TYR A 58 -7.57 -7.89 4.68
C TYR A 58 -9.03 -8.41 4.55
N LEU A 59 -9.45 -8.69 3.31
CA LEU A 59 -10.80 -9.28 3.09
C LEU A 59 -10.88 -10.60 3.80
N LEU A 60 -9.80 -11.40 3.74
CA LEU A 60 -9.80 -12.70 4.42
C LEU A 60 -9.85 -12.56 5.96
N LEU A 61 -9.12 -11.59 6.53
CA LEU A 61 -9.28 -11.26 7.98
C LEU A 61 -10.74 -10.92 8.31
N CYS A 62 -11.35 -10.06 7.49
CA CYS A 62 -12.74 -9.72 7.71
C CYS A 62 -13.69 -10.92 7.61
N GLU A 63 -13.40 -11.83 6.68
CA GLU A 63 -14.30 -12.93 6.39
C GLU A 63 -14.09 -14.10 7.37
N HIS A 64 -12.84 -14.36 7.73
CA HIS A 64 -12.52 -15.62 8.49
C HIS A 64 -12.15 -15.41 9.97
N HIS A 65 -11.76 -14.17 10.32
CA HIS A 65 -11.11 -13.84 11.62
C HIS A 65 -11.78 -12.67 12.28
N ALA A 66 -13.04 -12.38 11.89
CA ALA A 66 -13.68 -11.19 12.48
C ALA A 66 -13.81 -11.25 14.03
N HIS A 67 -13.99 -12.45 14.58
N HIS A 67 -13.97 -12.48 14.54
CA HIS A 67 -14.20 -12.58 16.04
CA HIS A 67 -14.19 -12.72 15.96
C HIS A 67 -12.96 -12.27 16.86
C HIS A 67 -12.97 -12.41 16.83
N THR A 68 -11.80 -12.26 16.20
CA THR A 68 -10.56 -11.90 16.88
C THR A 68 -9.91 -10.61 16.31
N CYS A 69 -10.62 -9.85 15.48
CA CYS A 69 -10.11 -8.55 15.03
C CYS A 69 -11.04 -7.42 15.47
N VAL A 70 -10.64 -6.16 15.26
CA VAL A 70 -11.51 -5.04 15.74
C VAL A 70 -11.23 -3.84 14.86
N VAL A 71 -12.25 -3.07 14.61
CA VAL A 71 -12.04 -1.69 14.07
C VAL A 71 -12.52 -0.66 15.04
N ALA A 72 -11.93 0.54 14.99
CA ALA A 72 -12.32 1.70 15.75
C ALA A 72 -12.98 2.61 14.70
N GLU A 73 -14.24 2.92 14.94
CA GLU A 73 -15.03 3.65 13.96
C GLU A 73 -15.61 4.93 14.52
N SER A 74 -15.57 6.02 13.73
CA SER A 74 -16.23 7.27 14.13
C SER A 74 -17.78 7.16 14.09
N PRO A 75 -18.52 8.05 14.80
CA PRO A 75 -20.02 8.07 14.70
C PRO A 75 -20.45 8.09 13.23
N GLY A 76 -19.71 8.85 12.42
CA GLY A 76 -19.87 8.92 10.95
C GLY A 76 -19.47 7.71 10.08
N GLY A 77 -18.83 6.70 10.65
CA GLY A 77 -18.66 5.46 9.94
C GLY A 77 -17.27 5.39 9.36
N ARG A 78 -16.34 6.26 9.82
CA ARG A 78 -14.97 6.24 9.28
C ARG A 78 -14.08 5.40 10.19
N ILE A 79 -13.40 4.46 9.60
CA ILE A 79 -12.49 3.58 10.34
C ILE A 79 -11.11 4.22 10.48
N ASP A 80 -10.74 4.53 11.71
CA ASP A 80 -9.40 5.11 11.94
C ASP A 80 -8.47 4.18 12.76
N GLY A 81 -8.94 2.98 13.09
CA GLY A 81 -8.11 2.05 13.92
C GLY A 81 -8.43 0.63 13.49
N PHE A 82 -7.45 -0.28 13.52
CA PHE A 82 -7.73 -1.70 13.22
C PHE A 82 -6.71 -2.52 13.98
N VAL A 83 -7.15 -3.65 14.51
CA VAL A 83 -6.19 -4.66 14.99
C VAL A 83 -6.53 -6.00 14.31
N SER A 84 -5.50 -6.65 13.72
CA SER A 84 -5.65 -8.05 13.24
C SER A 84 -5.02 -8.98 14.22
N ALA A 85 -5.74 -10.03 14.56
CA ALA A 85 -5.26 -11.04 15.50
C ALA A 85 -5.98 -12.35 15.25
N TYR A 86 -5.39 -13.46 15.71
CA TYR A 86 -6.03 -14.75 15.61
C TYR A 86 -5.42 -15.66 16.65
N LEU A 87 -6.21 -16.63 17.08
CA LEU A 87 -5.69 -17.68 17.91
C LEU A 87 -4.76 -18.57 17.11
N LEU A 88 -3.70 -19.07 17.73
CA LEU A 88 -2.77 -19.90 16.97
C LEU A 88 -3.41 -21.28 16.81
N PRO A 89 -3.47 -21.79 15.55
CA PRO A 89 -4.09 -23.09 15.33
C PRO A 89 -3.47 -24.25 16.14
N THR A 90 -2.15 -24.22 16.35
CA THR A 90 -1.53 -25.30 17.10
C THR A 90 -1.43 -25.00 18.58
N ARG A 91 -1.64 -23.73 18.96
CA ARG A 91 -1.61 -23.33 20.38
C ARG A 91 -2.77 -22.39 20.65
N PRO A 92 -3.99 -22.94 20.72
CA PRO A 92 -5.20 -22.12 20.74
C PRO A 92 -5.41 -21.24 21.97
N ASP A 93 -4.62 -21.42 23.05
CA ASP A 93 -4.61 -20.50 24.19
C ASP A 93 -3.65 -19.30 24.04
N VAL A 94 -3.06 -19.19 22.85
CA VAL A 94 -2.27 -18.03 22.48
C VAL A 94 -3.01 -17.16 21.42
N LEU A 95 -3.15 -15.86 21.71
CA LEU A 95 -3.68 -14.93 20.72
C LEU A 95 -2.46 -14.21 20.10
N PHE A 96 -2.34 -14.28 18.78
CA PHE A 96 -1.27 -13.59 18.08
C PHE A 96 -1.81 -12.29 17.44
N VAL A 97 -1.18 -11.17 17.73
CA VAL A 97 -1.53 -9.86 17.19
C VAL A 97 -0.60 -9.58 16.03
N TRP A 98 -1.20 -9.40 14.85
CA TRP A 98 -0.41 -9.27 13.59
C TRP A 98 -0.16 -7.80 13.35
N GLN A 99 -1.21 -6.97 13.15
CA GLN A 99 -1.00 -5.53 12.93
C GLN A 99 -1.88 -4.68 13.84
N VAL A 100 -1.33 -3.58 14.34
CA VAL A 100 -2.09 -2.57 15.09
C VAL A 100 -1.95 -1.28 14.32
N ALA A 101 -3.02 -0.87 13.66
CA ALA A 101 -3.02 0.38 12.85
C ALA A 101 -3.84 1.46 13.56
N VAL A 102 -3.22 2.60 13.81
CA VAL A 102 -3.93 3.75 14.40
C VAL A 102 -3.63 4.96 13.54
N HIS A 103 -4.63 5.48 12.86
CA HIS A 103 -4.39 6.62 11.96
C HIS A 103 -3.80 7.86 12.67
N SER A 104 -2.94 8.64 12.00
CA SER A 104 -2.44 9.89 12.59
C SER A 104 -3.55 10.83 13.08
N ARG A 105 -4.74 10.84 12.44
CA ARG A 105 -5.80 11.80 12.84
C ARG A 105 -6.43 11.30 14.15
N ALA A 106 -6.08 10.09 14.57
CA ALA A 106 -6.70 9.49 15.75
C ALA A 106 -5.76 9.34 16.96
N ARG A 107 -4.60 9.97 16.89
CA ARG A 107 -3.65 10.09 18.02
C ARG A 107 -4.25 10.72 19.26
N GLY A 108 -3.79 10.28 20.42
CA GLY A 108 -4.27 10.84 21.67
C GLY A 108 -5.56 10.20 22.17
N HIS A 109 -5.96 9.08 21.60
CA HIS A 109 -7.17 8.41 22.06
C HIS A 109 -6.83 7.04 22.67
N ARG A 110 -5.52 6.72 22.72
CA ARG A 110 -5.04 5.43 23.21
C ARG A 110 -5.82 4.28 22.53
N LEU A 111 -6.07 4.43 21.22
CA LEU A 111 -6.86 3.44 20.52
C LEU A 111 -6.21 2.09 20.57
N GLY A 112 -4.86 2.03 20.47
CA GLY A 112 -4.20 0.70 20.36
C GLY A 112 -4.52 -0.18 21.58
N ARG A 113 -4.29 0.36 22.77
CA ARG A 113 -4.69 -0.32 24.02
C ARG A 113 -6.18 -0.59 24.15
N ALA A 114 -7.03 0.37 23.78
CA ALA A 114 -8.50 0.09 23.81
C ALA A 114 -8.91 -1.10 22.90
N MSE A 115 -8.35 -1.10 21.70
CA MSE A 115 -8.64 -2.14 20.73
C MSE A 115 -8.14 -3.51 21.18
O MSE A 115 -8.88 -4.50 21.12
CB MSE A 115 -8.13 -1.74 19.35
CG MSE A 115 -9.01 -0.63 18.68
SE MSE A 115 -8.30 -0.41 16.86
CE MSE A 115 -6.46 0.22 17.17
N LEU A 116 -6.91 -3.56 21.69
CA LEU A 116 -6.39 -4.83 22.21
C LEU A 116 -7.19 -5.39 23.38
N GLY A 117 -7.50 -4.52 24.34
CA GLY A 117 -8.44 -4.83 25.42
C GLY A 117 -9.79 -5.32 24.97
N HIS A 118 -10.39 -4.66 23.98
CA HIS A 118 -11.66 -5.12 23.41
C HIS A 118 -11.61 -6.55 22.90
N ILE A 119 -10.56 -6.91 22.15
CA ILE A 119 -10.45 -8.28 21.67
C ILE A 119 -10.24 -9.27 22.82
N LEU A 120 -9.39 -8.92 23.74
CA LEU A 120 -9.12 -9.79 24.89
C LEU A 120 -10.31 -10.06 25.76
N GLU A 121 -11.23 -9.09 25.83
N GLU A 121 -11.24 -9.12 25.83
CA GLU A 121 -12.46 -9.18 26.62
CA GLU A 121 -12.41 -9.26 26.68
C GLU A 121 -13.52 -10.09 26.04
C GLU A 121 -13.57 -9.99 26.01
N ARG A 122 -13.39 -10.40 24.75
CA ARG A 122 -14.38 -11.24 24.09
C ARG A 122 -14.46 -12.67 24.54
N GLN A 123 -15.67 -13.22 24.41
N GLN A 123 -15.67 -13.23 24.41
CA GLN A 123 -15.98 -14.59 24.79
CA GLN A 123 -15.97 -14.62 24.79
C GLN A 123 -15.13 -15.61 24.02
C GLN A 123 -15.04 -15.59 24.05
N GLU A 124 -14.76 -15.27 22.78
CA GLU A 124 -13.84 -16.07 21.95
C GLU A 124 -12.43 -16.19 22.55
N CYS A 125 -12.02 -15.23 23.37
CA CYS A 125 -10.66 -15.22 23.96
C CYS A 125 -10.67 -15.60 25.44
N ARG A 126 -11.79 -16.13 25.92
N ARG A 126 -11.81 -16.13 25.90
CA ARG A 126 -11.92 -16.42 27.34
CA ARG A 126 -11.99 -16.50 27.31
C ARG A 126 -10.96 -17.51 27.85
C ARG A 126 -10.87 -17.41 27.81
N HIS A 127 -10.39 -18.29 26.93
CA HIS A 127 -9.37 -19.29 27.32
C HIS A 127 -7.90 -18.87 26.99
N VAL A 128 -7.71 -17.66 26.45
CA VAL A 128 -6.37 -17.22 26.11
C VAL A 128 -5.58 -17.03 27.38
N ARG A 129 -4.37 -17.56 27.37
CA ARG A 129 -3.45 -17.51 28.51
C ARG A 129 -2.21 -16.65 28.15
N HIS A 130 -1.94 -16.47 26.84
CA HIS A 130 -0.81 -15.67 26.39
C HIS A 130 -1.14 -14.84 25.18
N LEU A 131 -0.47 -13.72 25.04
CA LEU A 131 -0.62 -12.89 23.84
C LEU A 131 0.77 -12.76 23.23
N GLU A 132 0.91 -12.97 21.92
CA GLU A 132 2.19 -12.88 21.22
C GLU A 132 2.09 -11.84 20.11
N THR A 133 3.17 -11.14 19.81
CA THR A 133 3.16 -10.20 18.74
C THR A 133 4.64 -9.96 18.42
N THR A 134 4.93 -9.20 17.38
CA THR A 134 6.34 -8.84 17.19
C THR A 134 6.52 -7.32 17.13
N VAL A 135 7.72 -6.89 17.49
CA VAL A 135 8.06 -5.49 17.56
C VAL A 135 9.41 -5.31 16.95
N GLY A 136 9.66 -4.20 16.26
CA GLY A 136 11.00 -3.88 15.77
C GLY A 136 11.90 -3.36 16.88
N PRO A 137 13.21 -3.19 16.60
CA PRO A 137 14.19 -2.68 17.55
C PRO A 137 13.80 -1.37 18.23
N ASP A 138 13.29 -0.38 17.52
CA ASP A 138 13.10 0.95 18.11
C ASP A 138 11.69 1.21 18.55
N ASN A 139 10.81 0.24 18.40
CA ASN A 139 9.40 0.50 18.59
C ASN A 139 9.03 0.52 20.07
N GLN A 140 9.52 1.54 20.78
CA GLN A 140 9.27 1.62 22.22
C GLN A 140 7.84 1.87 22.63
N ALA A 141 7.14 2.74 21.90
CA ALA A 141 5.75 3.01 22.21
C ALA A 141 4.92 1.75 22.08
N SER A 142 5.22 0.94 21.07
N SER A 142 5.16 0.92 21.07
CA SER A 142 4.48 -0.31 20.86
CA SER A 142 4.36 -0.29 20.98
C SER A 142 4.70 -1.29 22.01
C SER A 142 4.66 -1.25 22.13
N ARG A 143 5.93 -1.37 22.50
CA ARG A 143 6.26 -2.13 23.70
C ARG A 143 5.48 -1.63 24.91
N ARG A 144 5.30 -0.30 25.02
CA ARG A 144 4.64 0.19 26.22
C ARG A 144 3.17 -0.22 26.24
N THR A 145 2.56 -0.18 25.06
CA THR A 145 1.16 -0.63 24.87
C THR A 145 1.04 -2.08 25.41
N PHE A 146 1.90 -3.00 24.91
CA PHE A 146 1.82 -4.38 25.39
C PHE A 146 2.19 -4.52 26.89
N ALA A 147 3.20 -3.76 27.37
CA ALA A 147 3.52 -3.75 28.79
C ALA A 147 2.33 -3.34 29.65
N GLY A 148 1.61 -2.31 29.22
CA GLY A 148 0.47 -1.81 30.00
C GLY A 148 -0.64 -2.84 30.11
N LEU A 149 -0.90 -3.49 29.00
CA LEU A 149 -1.83 -4.60 28.93
C LEU A 149 -1.48 -5.75 29.90
N ALA A 150 -0.21 -6.12 29.95
CA ALA A 150 0.26 -7.17 30.85
C ALA A 150 0.04 -6.78 32.33
N GLY A 151 0.42 -5.55 32.68
CA GLY A 151 0.33 -5.08 34.07
C GLY A 151 -1.09 -5.14 34.62
N GLU A 152 -2.06 -4.75 33.79
N GLU A 152 -2.06 -4.75 33.79
CA GLU A 152 -3.47 -4.78 34.15
CA GLU A 152 -3.48 -4.82 34.15
C GLU A 152 -4.08 -6.20 34.24
C GLU A 152 -3.94 -6.22 34.50
N ARG A 153 -3.26 -7.22 33.94
CA ARG A 153 -3.68 -8.63 34.03
C ARG A 153 -2.75 -9.48 34.92
N GLY A 154 -1.83 -8.83 35.64
CA GLY A 154 -0.84 -9.57 36.42
C GLY A 154 -0.03 -10.54 35.57
N ALA A 155 0.27 -10.16 34.32
CA ALA A 155 1.08 -10.98 33.43
C ALA A 155 2.50 -10.45 33.24
N HIS A 156 3.40 -11.36 32.87
N HIS A 156 3.43 -11.33 32.86
CA HIS A 156 4.83 -11.17 32.60
CA HIS A 156 4.79 -10.91 32.65
C HIS A 156 4.98 -10.73 31.12
C HIS A 156 5.11 -10.86 31.14
N VAL A 157 6.03 -9.97 30.80
CA VAL A 157 6.35 -9.65 29.40
C VAL A 157 7.74 -10.19 29.13
N SER A 158 7.90 -10.93 28.05
CA SER A 158 9.23 -11.33 27.65
C SER A 158 9.48 -10.97 26.19
N GLU A 159 10.75 -10.78 25.83
CA GLU A 159 11.08 -10.39 24.49
C GLU A 159 12.27 -11.21 24.05
N GLN A 160 12.19 -11.84 22.89
CA GLN A 160 13.27 -12.68 22.39
C GLN A 160 13.54 -12.39 20.90
N PRO A 161 14.79 -12.49 20.47
CA PRO A 161 15.01 -12.41 19.03
C PRO A 161 14.12 -13.43 18.29
N PHE A 162 13.69 -13.09 17.08
CA PHE A 162 12.73 -13.93 16.37
C PHE A 162 12.95 -13.86 14.87
N PHE A 163 12.51 -12.79 14.19
CA PHE A 163 12.81 -12.67 12.78
C PHE A 163 13.98 -11.74 12.63
N ASP A 164 15.05 -12.23 12.03
CA ASP A 164 16.24 -11.41 11.88
C ASP A 164 16.52 -11.27 10.38
N ARG A 165 17.73 -10.83 10.03
N ARG A 165 17.68 -10.71 10.03
CA ARG A 165 18.18 -10.81 8.64
CA ARG A 165 18.02 -10.50 8.64
C ARG A 165 18.04 -12.15 7.89
C ARG A 165 17.88 -11.80 7.82
N GLN A 166 18.33 -13.24 8.59
N GLN A 166 18.30 -12.92 8.40
CA GLN A 166 18.23 -14.58 8.00
CA GLN A 166 18.18 -14.19 7.70
C GLN A 166 16.80 -14.85 7.54
C GLN A 166 16.72 -14.56 7.39
N ALA A 167 15.84 -14.51 8.41
CA ALA A 167 14.44 -14.79 8.17
C ALA A 167 13.88 -13.92 7.02
N PHE A 168 14.40 -12.68 6.89
CA PHE A 168 13.97 -11.78 5.78
C PHE A 168 14.75 -11.92 4.49
N GLY A 169 15.70 -12.82 4.48
CA GLY A 169 16.54 -13.05 3.28
C GLY A 169 17.32 -11.83 2.86
N GLY A 170 17.69 -11.00 3.82
CA GLY A 170 18.47 -9.80 3.50
C GLY A 170 17.62 -8.66 2.96
N ALA A 171 16.29 -8.74 3.08
CA ALA A 171 15.46 -7.70 2.52
C ALA A 171 15.58 -6.48 3.39
N ASP A 172 15.24 -5.32 2.86
CA ASP A 172 15.32 -4.08 3.63
C ASP A 172 14.12 -3.98 4.59
N HIS A 173 14.23 -4.70 5.71
CA HIS A 173 13.15 -4.71 6.74
C HIS A 173 13.86 -4.80 8.10
N ASP A 174 13.40 -4.04 9.08
CA ASP A 174 13.95 -4.15 10.42
C ASP A 174 13.70 -5.58 10.94
N ASP A 175 14.55 -6.01 11.89
CA ASP A 175 14.32 -7.22 12.67
C ASP A 175 12.99 -7.10 13.41
N GLU A 176 12.31 -8.22 13.66
CA GLU A 176 11.09 -8.24 14.46
C GLU A 176 11.30 -9.18 15.63
N MSE A 177 11.35 -8.64 16.86
CA MSE A 177 11.48 -9.49 18.03
C MSE A 177 10.11 -10.03 18.50
O MSE A 177 9.11 -9.38 18.28
CB MSE A 177 12.16 -8.69 19.14
CG MSE A 177 13.71 -8.58 18.79
SE MSE A 177 13.92 -7.06 17.58
CE MSE A 177 13.42 -5.68 18.83
N LEU A 178 10.13 -11.17 19.20
CA LEU A 178 8.90 -11.78 19.65
C LEU A 178 8.57 -11.25 21.02
N LEU A 179 7.42 -10.61 21.15
CA LEU A 179 6.98 -10.11 22.44
C LEU A 179 5.85 -11.03 22.96
N ARG A 180 5.99 -11.54 24.17
CA ARG A 180 5.06 -12.53 24.70
C ARG A 180 4.58 -12.15 26.09
N ILE A 181 3.27 -12.07 26.27
CA ILE A 181 2.70 -11.59 27.55
C ILE A 181 1.86 -12.72 28.12
N GLY A 182 1.93 -12.91 29.44
CA GLY A 182 1.17 -13.98 30.05
C GLY A 182 1.99 -14.64 31.15
N PRO A 183 1.44 -15.70 31.81
CA PRO A 183 0.07 -16.20 31.65
C PRO A 183 -0.98 -15.22 32.18
N PHE A 184 -2.17 -15.20 31.59
CA PHE A 184 -3.25 -14.41 32.13
C PHE A 184 -3.91 -15.36 33.12
N ARG B 26 9.79 -35.74 -8.84
CA ARG B 26 11.13 -35.07 -8.68
C ARG B 26 11.11 -33.98 -7.59
N TYR B 27 9.94 -33.47 -7.24
CA TYR B 27 9.83 -32.51 -6.14
C TYR B 27 9.59 -33.19 -4.80
N HIS B 28 10.21 -32.66 -3.75
CA HIS B 28 9.92 -33.11 -2.40
C HIS B 28 8.90 -32.16 -1.78
N LEU B 29 7.73 -32.67 -1.39
CA LEU B 29 6.71 -31.80 -0.73
C LEU B 29 6.83 -31.96 0.75
N ARG B 30 6.79 -30.84 1.45
CA ARG B 30 6.95 -30.83 2.89
C ARG B 30 6.36 -29.51 3.42
N PRO B 31 6.05 -29.49 4.73
CA PRO B 31 5.62 -28.20 5.27
C PRO B 31 6.73 -27.16 5.17
N PRO B 32 6.35 -25.88 5.05
CA PRO B 32 7.35 -24.84 5.05
C PRO B 32 7.95 -24.61 6.46
N ARG B 33 9.15 -24.06 6.52
N ARG B 33 9.16 -24.06 6.47
CA ARG B 33 9.84 -23.69 7.74
CA ARG B 33 9.94 -23.66 7.64
C ARG B 33 10.27 -22.23 7.59
C ARG B 33 10.15 -22.17 7.59
N ARG B 34 10.59 -21.60 8.71
CA ARG B 34 10.92 -20.16 8.74
C ARG B 34 11.92 -19.75 7.64
N ASN B 35 12.95 -20.59 7.42
CA ASN B 35 13.97 -20.25 6.45
C ASN B 35 13.51 -20.35 5.01
N ASP B 36 12.27 -20.83 4.81
CA ASP B 36 11.67 -20.86 3.48
C ASP B 36 10.92 -19.54 3.14
N GLY B 37 10.62 -18.71 4.15
CA GLY B 37 9.71 -17.55 3.95
C GLY B 37 10.16 -16.60 2.85
N ALA B 38 11.47 -16.26 2.82
CA ALA B 38 12.03 -15.35 1.80
C ALA B 38 11.86 -15.98 0.43
N ALA B 39 12.08 -17.27 0.35
CA ALA B 39 12.00 -17.95 -0.94
C ALA B 39 10.58 -18.09 -1.43
N ILE B 40 9.64 -18.32 -0.52
CA ILE B 40 8.22 -18.40 -0.88
C ILE B 40 7.74 -17.04 -1.38
N HIS B 41 8.16 -15.96 -0.73
CA HIS B 41 7.77 -14.60 -1.15
C HIS B 41 8.28 -14.36 -2.57
N GLN B 42 9.53 -14.71 -2.81
CA GLN B 42 10.09 -14.61 -4.17
C GLN B 42 9.41 -15.49 -5.21
N LEU B 43 9.05 -16.70 -4.84
CA LEU B 43 8.31 -17.55 -5.75
C LEU B 43 6.99 -16.88 -6.08
N VAL B 44 6.23 -16.44 -5.06
CA VAL B 44 4.97 -15.77 -5.38
C VAL B 44 5.19 -14.56 -6.34
N SER B 45 6.18 -13.73 -6.05
CA SER B 45 6.47 -12.64 -6.96
C SER B 45 6.67 -13.14 -8.41
N GLU B 46 7.31 -14.29 -8.57
CA GLU B 46 7.65 -14.82 -9.92
C GLU B 46 6.51 -15.58 -10.58
N CYS B 47 5.36 -15.63 -9.88
CA CYS B 47 4.14 -16.25 -10.38
C CYS B 47 2.98 -15.22 -10.50
N PRO B 48 3.18 -14.13 -11.26
CA PRO B 48 2.07 -13.21 -11.51
C PRO B 48 0.98 -14.00 -12.26
N PRO B 49 -0.29 -13.63 -12.07
CA PRO B 49 -0.68 -12.42 -11.34
C PRO B 49 -1.00 -12.57 -9.86
N LEU B 50 -0.43 -13.55 -9.17
CA LEU B 50 -0.79 -13.69 -7.76
C LEU B 50 -0.45 -12.37 -7.04
N ASP B 51 -1.31 -12.01 -6.09
CA ASP B 51 -1.06 -10.80 -5.24
C ASP B 51 0.23 -11.03 -4.42
N LEU B 52 1.15 -10.07 -4.38
CA LEU B 52 2.38 -10.29 -3.59
C LEU B 52 2.12 -9.68 -2.19
N ASN B 53 1.88 -10.51 -1.22
CA ASN B 53 1.73 -10.00 0.18
C ASN B 53 3.09 -9.66 0.79
N SER B 54 3.14 -9.04 1.96
CA SER B 54 4.43 -8.63 2.56
C SER B 54 5.21 -9.90 2.88
N LEU B 55 6.55 -9.82 2.83
CA LEU B 55 7.37 -10.92 3.32
C LEU B 55 6.97 -11.44 4.70
N TYR B 56 6.66 -10.52 5.63
CA TYR B 56 6.23 -10.87 6.98
C TYR B 56 5.01 -11.76 6.92
N ALA B 57 4.04 -11.46 6.04
CA ALA B 57 2.90 -12.37 5.94
C ALA B 57 3.24 -13.80 5.59
N TYR B 58 4.17 -14.00 4.63
CA TYR B 58 4.65 -15.34 4.33
C TYR B 58 5.37 -15.98 5.53
N LEU B 59 6.16 -15.21 6.25
CA LEU B 59 6.78 -15.75 7.47
C LEU B 59 5.75 -16.22 8.51
N LEU B 60 4.66 -15.50 8.65
CA LEU B 60 3.58 -15.91 9.56
C LEU B 60 2.94 -17.20 9.10
N LEU B 61 2.76 -17.38 7.80
CA LEU B 61 2.30 -18.69 7.30
C LEU B 61 3.28 -19.80 7.74
N CYS B 62 4.58 -19.57 7.56
CA CYS B 62 5.53 -20.59 7.99
C CYS B 62 5.48 -20.85 9.48
N GLU B 63 5.30 -19.80 10.28
CA GLU B 63 5.32 -19.93 11.72
C GLU B 63 4.04 -20.52 12.33
N HIS B 64 2.92 -20.16 11.79
CA HIS B 64 1.68 -20.51 12.42
C HIS B 64 0.85 -21.50 11.67
N HIS B 65 1.09 -21.66 10.38
CA HIS B 65 0.24 -22.49 9.53
C HIS B 65 0.97 -23.54 8.78
N ALA B 66 2.13 -23.99 9.30
CA ALA B 66 2.96 -24.84 8.47
C ALA B 66 2.23 -26.16 8.18
N HIS B 67 1.47 -26.66 9.16
N HIS B 67 1.47 -26.64 9.16
CA HIS B 67 0.81 -27.98 9.05
CA HIS B 67 0.76 -27.93 9.11
C HIS B 67 -0.31 -28.01 8.01
C HIS B 67 -0.32 -28.00 8.05
N THR B 68 -0.72 -26.83 7.53
CA THR B 68 -1.76 -26.74 6.52
C THR B 68 -1.21 -26.09 5.24
N CYS B 69 0.10 -25.88 5.18
CA CYS B 69 0.79 -25.34 3.99
C CYS B 69 1.81 -26.34 3.46
N VAL B 70 2.31 -26.07 2.25
CA VAL B 70 3.27 -26.96 1.66
C VAL B 70 4.17 -26.22 0.70
N VAL B 71 5.42 -26.67 0.61
CA VAL B 71 6.36 -26.23 -0.42
C VAL B 71 6.79 -27.44 -1.23
N ALA B 72 7.13 -27.17 -2.49
CA ALA B 72 7.69 -28.17 -3.37
C ALA B 72 9.10 -27.74 -3.69
N GLU B 73 10.03 -28.59 -3.29
CA GLU B 73 11.44 -28.27 -3.28
C GLU B 73 12.14 -29.17 -4.30
N SER B 74 12.88 -28.53 -5.19
CA SER B 74 13.65 -29.25 -6.20
C SER B 74 14.85 -29.98 -5.60
N PRO B 75 15.40 -30.97 -6.33
CA PRO B 75 16.63 -31.63 -5.90
C PRO B 75 17.71 -30.64 -5.42
N GLY B 76 17.81 -29.51 -6.13
CA GLY B 76 18.84 -28.53 -5.81
C GLY B 76 18.44 -27.55 -4.71
N GLY B 77 17.23 -27.74 -4.14
CA GLY B 77 16.77 -26.93 -3.01
C GLY B 77 15.97 -25.69 -3.38
N ARG B 78 15.58 -25.57 -4.63
CA ARG B 78 14.80 -24.41 -5.03
C ARG B 78 13.34 -24.66 -4.66
N ILE B 79 12.63 -23.62 -4.23
CA ILE B 79 11.20 -23.79 -3.95
C ILE B 79 10.43 -23.32 -5.15
N ASP B 80 9.87 -24.30 -5.89
CA ASP B 80 9.21 -24.02 -7.13
C ASP B 80 7.70 -24.12 -6.99
N GLY B 81 7.20 -24.51 -5.81
CA GLY B 81 5.78 -24.53 -5.57
C GLY B 81 5.47 -24.22 -4.13
N PHE B 82 4.28 -23.64 -3.92
CA PHE B 82 3.80 -23.27 -2.57
C PHE B 82 2.28 -23.27 -2.56
N VAL B 83 1.72 -23.76 -1.46
CA VAL B 83 0.30 -23.59 -1.20
C VAL B 83 0.09 -23.05 0.21
N SER B 84 -0.66 -21.96 0.33
CA SER B 84 -1.08 -21.49 1.66
C SER B 84 -2.54 -21.83 1.86
N ALA B 85 -2.83 -22.38 3.04
CA ALA B 85 -4.17 -22.84 3.38
C ALA B 85 -4.31 -22.90 4.87
N TYR B 86 -5.56 -22.88 5.36
CA TYR B 86 -5.81 -23.02 6.80
C TYR B 86 -7.25 -23.47 7.00
N LEU B 87 -7.50 -24.11 8.14
CA LEU B 87 -8.87 -24.48 8.49
C LEU B 87 -9.63 -23.24 8.87
N LEU B 88 -10.91 -23.19 8.57
CA LEU B 88 -11.64 -21.97 8.92
C LEU B 88 -11.89 -22.03 10.43
N PRO B 89 -11.49 -20.96 11.16
CA PRO B 89 -11.72 -21.02 12.62
C PRO B 89 -13.15 -21.29 12.99
N THR B 90 -14.12 -20.77 12.23
CA THR B 90 -15.52 -21.01 12.61
C THR B 90 -16.15 -22.24 12.00
N ARG B 91 -15.46 -22.81 11.00
N ARG B 91 -15.53 -22.80 10.97
CA ARG B 91 -15.90 -24.00 10.28
CA ARG B 91 -15.98 -24.09 10.42
C ARG B 91 -14.70 -24.94 10.11
C ARG B 91 -14.77 -24.95 10.15
N PRO B 92 -14.30 -25.65 11.19
CA PRO B 92 -13.11 -26.45 11.11
C PRO B 92 -13.06 -27.66 10.15
N ASP B 93 -14.19 -28.08 9.58
CA ASP B 93 -14.18 -29.09 8.52
C ASP B 93 -14.00 -28.50 7.10
N VAL B 94 -13.66 -27.21 7.00
CA VAL B 94 -13.47 -26.57 5.71
C VAL B 94 -12.03 -26.14 5.67
N LEU B 95 -11.30 -26.62 4.66
CA LEU B 95 -9.93 -26.11 4.42
C LEU B 95 -10.04 -24.97 3.39
N PHE B 96 -9.56 -23.80 3.78
CA PHE B 96 -9.58 -22.65 2.91
C PHE B 96 -8.19 -22.44 2.28
N VAL B 97 -8.13 -22.41 0.98
CA VAL B 97 -6.90 -22.28 0.22
C VAL B 97 -6.76 -20.84 -0.21
N TRP B 98 -5.68 -20.22 0.26
CA TRP B 98 -5.40 -18.84 -0.02
C TRP B 98 -4.65 -18.68 -1.36
N GLN B 99 -3.38 -19.06 -1.45
CA GLN B 99 -2.63 -18.92 -2.75
C GLN B 99 -2.00 -20.26 -3.13
N VAL B 100 -1.97 -20.50 -4.45
N VAL B 100 -2.00 -20.55 -4.44
CA VAL B 100 -1.30 -21.63 -5.08
CA VAL B 100 -1.24 -21.68 -4.97
C VAL B 100 -0.29 -21.04 -6.07
C VAL B 100 -0.30 -21.12 -6.05
N ALA B 101 1.00 -21.26 -5.83
CA ALA B 101 2.03 -20.75 -6.71
C ALA B 101 2.81 -21.91 -7.32
N VAL B 102 2.89 -21.96 -8.63
CA VAL B 102 3.76 -22.89 -9.30
C VAL B 102 4.58 -22.17 -10.33
N HIS B 103 5.91 -22.24 -10.18
CA HIS B 103 6.83 -21.52 -11.02
C HIS B 103 6.74 -22.06 -12.45
N SER B 104 6.89 -21.21 -13.46
CA SER B 104 6.88 -21.74 -14.87
C SER B 104 7.82 -22.90 -15.02
N ARG B 105 8.96 -22.90 -14.33
CA ARG B 105 9.92 -23.97 -14.58
C ARG B 105 9.36 -25.29 -14.07
N ALA B 106 8.28 -25.27 -13.28
CA ALA B 106 7.72 -26.49 -12.70
C ALA B 106 6.40 -26.95 -13.33
N ARG B 107 5.97 -26.30 -14.39
CA ARG B 107 4.74 -26.69 -15.04
C ARG B 107 4.83 -28.09 -15.70
N GLY B 108 3.67 -28.68 -15.98
CA GLY B 108 3.58 -30.03 -16.56
C GLY B 108 3.94 -31.19 -15.63
N HIS B 109 3.74 -30.99 -14.34
CA HIS B 109 3.90 -32.05 -13.36
C HIS B 109 2.60 -32.11 -12.52
N ARG B 110 1.57 -31.38 -12.93
CA ARG B 110 0.38 -31.19 -12.09
C ARG B 110 0.70 -30.99 -10.60
N LEU B 111 1.66 -30.10 -10.37
CA LEU B 111 2.17 -29.79 -9.04
C LEU B 111 1.12 -29.14 -8.12
N GLY B 112 0.29 -28.23 -8.64
CA GLY B 112 -0.73 -27.59 -7.77
C GLY B 112 -1.65 -28.66 -7.16
N ARG B 113 -2.08 -29.63 -7.98
CA ARG B 113 -2.97 -30.66 -7.52
C ARG B 113 -2.29 -31.58 -6.51
N ALA B 114 -1.03 -31.92 -6.81
CA ALA B 114 -0.18 -32.76 -5.94
C ALA B 114 0.03 -32.11 -4.59
N MSE B 115 0.21 -30.79 -4.60
CA MSE B 115 0.42 -30.06 -3.34
C MSE B 115 -0.86 -30.04 -2.50
O MSE B 115 -0.82 -30.21 -1.24
CB MSE B 115 0.91 -28.64 -3.65
CG MSE B 115 2.39 -28.62 -3.90
SE MSE B 115 3.12 -26.81 -4.07
CE MSE B 115 2.01 -26.09 -5.55
N LEU B 116 -2.00 -29.79 -3.15
CA LEU B 116 -3.33 -29.79 -2.40
C LEU B 116 -3.63 -31.17 -1.80
N GLY B 117 -3.49 -32.20 -2.63
CA GLY B 117 -3.62 -33.59 -2.18
C GLY B 117 -2.73 -33.88 -1.00
N HIS B 118 -1.47 -33.43 -1.04
CA HIS B 118 -0.54 -33.66 0.07
C HIS B 118 -1.01 -33.01 1.40
N ILE B 119 -1.48 -31.77 1.33
CA ILE B 119 -2.08 -31.12 2.48
C ILE B 119 -3.27 -31.92 3.05
N LEU B 120 -4.16 -32.36 2.16
CA LEU B 120 -5.41 -33.06 2.57
C LEU B 120 -5.19 -34.41 3.17
N GLU B 121 -4.04 -35.02 2.90
N GLU B 121 -4.03 -35.00 2.91
CA GLU B 121 -3.76 -36.35 3.43
CA GLU B 121 -3.70 -36.33 3.42
C GLU B 121 -3.12 -36.30 4.82
C GLU B 121 -3.10 -36.29 4.80
N ARG B 122 -2.85 -35.10 5.32
CA ARG B 122 -2.27 -34.94 6.66
C ARG B 122 -3.24 -35.19 7.80
N GLN B 123 -2.69 -35.66 8.91
CA GLN B 123 -3.43 -35.86 10.15
C GLN B 123 -4.25 -34.62 10.57
N GLU B 124 -3.71 -33.41 10.37
CA GLU B 124 -4.46 -32.21 10.78
C GLU B 124 -5.69 -32.00 9.90
N CYS B 125 -5.73 -32.67 8.75
CA CYS B 125 -6.84 -32.49 7.82
C CYS B 125 -7.81 -33.65 7.82
N ARG B 126 -7.68 -34.57 8.79
CA ARG B 126 -8.54 -35.77 8.81
C ARG B 126 -10.02 -35.52 8.79
N HIS B 127 -10.48 -34.40 9.33
CA HIS B 127 -11.91 -34.15 9.39
C HIS B 127 -12.42 -33.15 8.34
N VAL B 128 -11.54 -32.77 7.42
CA VAL B 128 -11.93 -31.82 6.39
C VAL B 128 -12.89 -32.46 5.41
N ARG B 129 -14.07 -31.85 5.23
N ARG B 129 -14.06 -31.83 5.20
CA ARG B 129 -15.10 -32.33 4.30
CA ARG B 129 -15.08 -32.36 4.29
C ARG B 129 -15.07 -31.50 3.03
C ARG B 129 -15.36 -31.38 3.16
N HIS B 130 -14.67 -30.23 3.17
N HIS B 130 -14.63 -30.27 3.10
CA HIS B 130 -14.88 -29.26 2.11
CA HIS B 130 -14.94 -29.22 2.13
C HIS B 130 -13.61 -28.44 1.88
C HIS B 130 -13.70 -28.36 1.91
N LEU B 131 -13.44 -27.95 0.65
CA LEU B 131 -12.39 -26.98 0.34
C LEU B 131 -13.06 -25.70 -0.16
N GLU B 132 -12.49 -24.52 0.17
CA GLU B 132 -13.00 -23.27 -0.36
C GLU B 132 -11.80 -22.46 -0.80
N THR B 133 -11.95 -21.69 -1.88
CA THR B 133 -10.93 -20.72 -2.23
C THR B 133 -11.64 -19.65 -3.04
N THR B 134 -10.98 -18.56 -3.38
CA THR B 134 -11.61 -17.63 -4.32
C THR B 134 -10.79 -17.56 -5.59
N VAL B 135 -11.47 -17.28 -6.68
CA VAL B 135 -10.81 -17.15 -7.95
C VAL B 135 -11.24 -15.79 -8.46
N GLY B 136 -10.24 -15.00 -8.85
CA GLY B 136 -10.51 -13.70 -9.46
C GLY B 136 -9.25 -13.30 -10.22
N PRO B 137 -8.97 -11.98 -10.31
CA PRO B 137 -7.92 -11.49 -11.21
C PRO B 137 -6.53 -12.12 -10.98
N ASP B 138 -6.25 -12.52 -9.75
CA ASP B 138 -4.90 -12.92 -9.39
C ASP B 138 -4.64 -14.42 -9.56
N ASN B 139 -5.68 -15.18 -9.90
CA ASN B 139 -5.55 -16.64 -9.87
C ASN B 139 -6.56 -17.40 -10.69
N GLN B 140 -6.84 -16.95 -11.92
CA GLN B 140 -7.72 -17.72 -12.78
C GLN B 140 -7.21 -19.10 -13.14
N ALA B 141 -5.88 -19.26 -13.22
CA ALA B 141 -5.24 -20.56 -13.59
C ALA B 141 -5.47 -21.61 -12.53
N SER B 142 -5.71 -21.13 -11.30
CA SER B 142 -6.23 -21.91 -10.18
C SER B 142 -7.40 -22.83 -10.48
N ARG B 143 -8.32 -22.45 -11.36
CA ARG B 143 -9.56 -23.25 -11.48
C ARG B 143 -9.23 -24.66 -11.89
N ARG B 144 -8.27 -24.82 -12.82
N ARG B 144 -8.27 -24.79 -12.81
CA ARG B 144 -7.93 -26.18 -13.28
CA ARG B 144 -7.80 -26.09 -13.32
C ARG B 144 -7.36 -27.03 -12.15
C ARG B 144 -7.33 -26.99 -12.18
N THR B 145 -6.50 -26.41 -11.33
CA THR B 145 -5.95 -27.08 -10.16
C THR B 145 -7.05 -27.60 -9.25
N PHE B 146 -8.06 -26.78 -8.95
CA PHE B 146 -9.12 -27.25 -8.02
C PHE B 146 -10.05 -28.27 -8.61
N ALA B 147 -10.35 -28.11 -9.89
CA ALA B 147 -11.13 -29.11 -10.60
C ALA B 147 -10.37 -30.44 -10.67
N GLY B 148 -9.05 -30.39 -10.90
CA GLY B 148 -8.22 -31.61 -10.87
C GLY B 148 -8.29 -32.30 -9.51
N LEU B 149 -8.02 -31.56 -8.44
CA LEU B 149 -8.19 -32.12 -7.10
C LEU B 149 -9.56 -32.75 -6.94
N ALA B 150 -10.62 -31.99 -7.21
CA ALA B 150 -12.00 -32.50 -7.06
C ALA B 150 -12.21 -33.79 -7.83
N GLY B 151 -11.62 -33.85 -9.03
CA GLY B 151 -11.74 -35.01 -9.93
C GLY B 151 -11.05 -36.24 -9.37
N GLU B 152 -9.89 -36.03 -8.78
CA GLU B 152 -9.13 -37.10 -8.15
C GLU B 152 -9.80 -37.63 -6.87
N ARG B 153 -10.73 -36.86 -6.32
CA ARG B 153 -11.37 -37.23 -5.05
C ARG B 153 -12.87 -37.39 -5.07
N GLY B 154 -13.43 -37.61 -6.26
CA GLY B 154 -14.89 -37.75 -6.44
C GLY B 154 -15.69 -36.64 -5.78
N ALA B 155 -15.22 -35.41 -5.92
CA ALA B 155 -15.89 -34.24 -5.42
C ALA B 155 -16.26 -33.34 -6.63
N HIS B 156 -17.02 -32.28 -6.38
N HIS B 156 -17.02 -32.28 -6.37
CA HIS B 156 -17.49 -31.37 -7.44
CA HIS B 156 -17.48 -31.38 -7.42
C HIS B 156 -17.28 -29.87 -7.12
C HIS B 156 -17.04 -29.93 -7.12
N VAL B 157 -16.95 -29.10 -8.16
CA VAL B 157 -16.68 -27.64 -8.02
C VAL B 157 -17.95 -26.80 -8.24
N SER B 158 -18.35 -26.01 -7.24
N SER B 158 -18.28 -25.96 -7.27
CA SER B 158 -19.42 -25.04 -7.45
CA SER B 158 -19.44 -25.03 -7.34
C SER B 158 -18.81 -23.65 -7.35
C SER B 158 -18.99 -23.60 -7.09
N GLU B 159 -19.52 -22.65 -7.86
CA GLU B 159 -19.08 -21.30 -7.70
C GLU B 159 -20.19 -20.36 -7.35
N GLN B 160 -19.82 -19.26 -6.68
CA GLN B 160 -20.81 -18.22 -6.27
C GLN B 160 -20.04 -16.90 -6.21
N PRO B 161 -20.67 -15.76 -6.55
CA PRO B 161 -20.02 -14.45 -6.43
C PRO B 161 -19.53 -14.23 -4.99
N PHE B 162 -18.29 -13.77 -4.84
CA PHE B 162 -17.71 -13.59 -3.52
C PHE B 162 -18.31 -12.40 -2.83
N PHE B 163 -18.57 -11.34 -3.59
CA PHE B 163 -19.06 -10.08 -2.99
C PHE B 163 -20.55 -9.93 -3.00
N ASP B 164 -21.09 -9.33 -1.93
CA ASP B 164 -22.50 -8.97 -1.90
C ASP B 164 -22.76 -7.64 -2.63
N ARG B 165 -24.03 -7.28 -2.75
CA ARG B 165 -24.43 -6.12 -3.56
C ARG B 165 -24.09 -4.76 -2.92
N GLN B 166 -23.63 -4.74 -1.67
CA GLN B 166 -23.23 -3.48 -1.03
C GLN B 166 -21.75 -3.15 -1.28
N ALA B 167 -20.96 -4.16 -1.65
CA ALA B 167 -19.53 -4.00 -1.89
C ALA B 167 -19.26 -2.98 -3.01
N PHE B 168 -18.18 -2.19 -2.89
CA PHE B 168 -17.68 -1.32 -4.01
C PHE B 168 -18.68 -0.39 -4.74
N ASP B 175 -15.12 -10.89 -12.50
CA ASP B 175 -15.95 -11.29 -11.35
C ASP B 175 -15.26 -12.29 -10.41
N GLU B 176 -15.06 -11.92 -9.15
N GLU B 176 -15.20 -11.84 -9.18
CA GLU B 176 -14.36 -12.80 -8.17
CA GLU B 176 -14.45 -12.45 -8.15
C GLU B 176 -15.33 -13.85 -7.58
C GLU B 176 -15.43 -13.39 -7.42
N MSE B 177 -14.98 -15.14 -7.66
N MSE B 177 -15.06 -14.66 -7.36
CA MSE B 177 -15.92 -16.19 -7.23
CA MSE B 177 -15.96 -15.78 -6.96
C MSE B 177 -15.42 -17.04 -6.09
C MSE B 177 -15.42 -16.65 -5.84
O MSE B 177 -14.26 -17.49 -6.13
O MSE B 177 -14.21 -16.76 -5.70
CB MSE B 177 -16.19 -17.11 -8.39
CB MSE B 177 -16.15 -16.74 -8.14
CG MSE B 177 -16.33 -16.33 -9.66
CG MSE B 177 -16.51 -16.10 -9.45
SE MSE B 177 -17.66 -17.15 -10.66
SE MSE B 177 -18.34 -15.68 -9.43
CE MSE B 177 -19.14 -16.75 -9.43
CE MSE B 177 -19.12 -17.43 -9.49
N LEU B 178 -16.31 -17.37 -5.16
CA LEU B 178 -15.98 -18.32 -4.16
C LEU B 178 -16.20 -19.69 -4.80
N LEU B 179 -15.17 -20.55 -4.78
CA LEU B 179 -15.32 -21.94 -5.23
C LEU B 179 -15.47 -22.83 -4.03
N ARG B 180 -16.40 -23.77 -4.11
CA ARG B 180 -16.61 -24.73 -3.02
C ARG B 180 -16.40 -26.12 -3.64
N ILE B 181 -15.58 -26.94 -2.98
CA ILE B 181 -15.07 -28.20 -3.55
C ILE B 181 -15.38 -29.24 -2.48
N GLY B 182 -16.09 -30.29 -2.87
CA GLY B 182 -16.64 -31.15 -1.85
C GLY B 182 -17.52 -32.21 -2.45
N PRO B 183 -17.96 -33.18 -1.62
CA PRO B 183 -17.35 -33.38 -0.28
C PRO B 183 -16.25 -34.45 -0.33
N PHE B 184 -15.53 -34.63 0.76
CA PHE B 184 -14.34 -35.48 0.78
C PHE B 184 -14.56 -36.66 1.71
N LEU C 25 15.05 -6.91 -23.93
CA LEU C 25 14.07 -7.64 -24.82
C LEU C 25 12.73 -7.99 -24.18
N ARG C 26 12.76 -8.47 -22.92
N ARG C 26 12.73 -8.48 -22.93
CA ARG C 26 11.54 -8.87 -22.20
CA ARG C 26 11.46 -8.86 -22.33
C ARG C 26 10.55 -7.70 -22.09
C ARG C 26 10.52 -7.67 -22.14
N TYR C 27 11.03 -6.51 -21.72
CA TYR C 27 10.17 -5.34 -21.37
C TYR C 27 10.07 -4.28 -22.44
N HIS C 28 8.89 -3.74 -22.64
CA HIS C 28 8.70 -2.64 -23.55
C HIS C 28 8.62 -1.43 -22.69
N LEU C 29 9.45 -0.44 -22.98
CA LEU C 29 9.40 0.79 -22.20
C LEU C 29 8.56 1.86 -22.93
N ARG C 30 7.68 2.58 -22.23
CA ARG C 30 6.84 3.56 -22.92
C ARG C 30 6.32 4.54 -21.90
N PRO C 31 5.89 5.72 -22.36
CA PRO C 31 5.23 6.62 -21.43
C PRO C 31 3.94 5.95 -20.91
N PRO C 32 3.52 6.29 -19.70
CA PRO C 32 2.29 5.72 -19.15
C PRO C 32 1.11 6.37 -19.80
N ARG C 33 -0.02 5.70 -19.76
CA ARG C 33 -1.30 6.31 -20.15
C ARG C 33 -2.24 6.33 -18.95
N ARG C 34 -3.36 7.07 -19.04
CA ARG C 34 -4.33 7.18 -17.91
C ARG C 34 -4.78 5.83 -17.31
N ASN C 35 -4.97 4.84 -18.17
CA ASN C 35 -5.40 3.54 -17.64
C ASN C 35 -4.32 2.65 -17.02
N ASP C 36 -3.06 3.14 -17.01
CA ASP C 36 -2.00 2.49 -16.25
C ASP C 36 -2.00 2.82 -14.74
N GLY C 37 -2.74 3.86 -14.33
CA GLY C 37 -2.68 4.42 -12.95
C GLY C 37 -2.83 3.31 -11.90
N ALA C 38 -3.82 2.44 -12.06
CA ALA C 38 -4.07 1.38 -11.08
C ALA C 38 -2.93 0.38 -10.97
N ALA C 39 -2.39 -0.01 -12.12
CA ALA C 39 -1.30 -1.00 -12.16
C ALA C 39 -0.04 -0.39 -11.58
N ILE C 40 0.18 0.91 -11.82
CA ILE C 40 1.37 1.56 -11.27
C ILE C 40 1.26 1.63 -9.74
N HIS C 41 0.07 1.98 -9.26
CA HIS C 41 -0.16 2.06 -7.82
C HIS C 41 0.04 0.66 -7.20
N GLN C 42 -0.51 -0.40 -7.84
CA GLN C 42 -0.26 -1.81 -7.38
C GLN C 42 1.25 -2.10 -7.35
N LEU C 43 1.96 -1.79 -8.44
CA LEU C 43 3.39 -1.99 -8.45
C LEU C 43 4.09 -1.38 -7.24
N VAL C 44 3.87 -0.08 -7.02
CA VAL C 44 4.52 0.60 -5.89
C VAL C 44 4.17 -0.08 -4.57
N SER C 45 2.91 -0.48 -4.39
N SER C 45 2.89 -0.47 -4.42
CA SER C 45 2.53 -1.15 -3.14
CA SER C 45 2.41 -1.17 -3.23
C SER C 45 3.30 -2.44 -2.98
C SER C 45 3.08 -2.52 -3.02
N GLU C 46 3.66 -3.10 -4.09
CA GLU C 46 4.38 -4.40 -4.01
C GLU C 46 5.91 -4.18 -4.08
N CYS C 47 6.37 -2.92 -3.90
CA CYS C 47 7.81 -2.60 -3.80
C CYS C 47 8.25 -1.92 -2.51
N PRO C 48 7.93 -2.51 -1.35
CA PRO C 48 8.38 -1.88 -0.13
C PRO C 48 9.92 -1.89 -0.13
N PRO C 49 10.56 -0.88 0.50
CA PRO C 49 9.96 0.09 1.35
C PRO C 49 9.59 1.39 0.63
N LEU C 50 9.34 1.41 -0.70
CA LEU C 50 8.98 2.69 -1.34
C LEU C 50 7.73 3.28 -0.72
N ASP C 51 7.68 4.61 -0.60
CA ASP C 51 6.50 5.29 -0.05
C ASP C 51 5.36 5.06 -1.00
N LEU C 52 4.20 4.68 -0.48
CA LEU C 52 3.04 4.56 -1.36
C LEU C 52 2.17 5.81 -1.30
N ASN C 53 1.97 6.48 -2.42
CA ASN C 53 1.05 7.65 -2.49
C ASN C 53 -0.37 7.18 -2.92
N SER C 54 -1.38 8.05 -2.94
CA SER C 54 -2.73 7.66 -3.30
C SER C 54 -2.77 7.16 -4.73
N LEU C 55 -3.80 6.38 -5.05
CA LEU C 55 -3.96 5.94 -6.46
C LEU C 55 -4.04 7.22 -7.32
N TYR C 56 -4.75 8.21 -6.78
CA TYR C 56 -4.97 9.46 -7.53
C TYR C 56 -3.68 10.15 -7.90
N ALA C 57 -2.68 10.13 -6.99
CA ALA C 57 -1.39 10.74 -7.33
C ALA C 57 -0.75 10.08 -8.55
N TYR C 58 -0.84 8.74 -8.65
CA TYR C 58 -0.32 8.06 -9.83
C TYR C 58 -1.16 8.38 -11.09
N LEU C 59 -2.48 8.45 -10.95
CA LEU C 59 -3.37 8.86 -12.07
C LEU C 59 -2.95 10.25 -12.60
N LEU C 60 -2.61 11.20 -11.70
CA LEU C 60 -2.17 12.53 -12.12
C LEU C 60 -0.83 12.48 -12.87
N LEU C 61 0.08 11.63 -12.44
CA LEU C 61 1.36 11.46 -13.17
C LEU C 61 1.09 10.92 -14.59
N CYS C 62 0.17 9.97 -14.70
CA CYS C 62 -0.17 9.35 -16.03
C CYS C 62 -0.83 10.42 -16.91
N GLU C 63 -1.68 11.25 -16.30
CA GLU C 63 -2.44 12.25 -17.06
C GLU C 63 -1.63 13.48 -17.48
N HIS C 64 -0.80 13.99 -16.56
CA HIS C 64 -0.14 15.28 -16.75
C HIS C 64 1.33 15.22 -17.04
N HIS C 65 1.97 14.11 -16.65
CA HIS C 65 3.46 14.00 -16.68
C HIS C 65 3.92 12.79 -17.52
N ALA C 66 3.09 12.30 -18.45
CA ALA C 66 3.45 11.06 -19.16
C ALA C 66 4.77 11.26 -19.93
N HIS C 67 5.01 12.48 -20.44
N HIS C 67 5.01 12.48 -20.46
CA HIS C 67 6.19 12.86 -21.26
CA HIS C 67 6.20 12.74 -21.29
C HIS C 67 7.51 12.78 -20.47
C HIS C 67 7.50 12.62 -20.48
N THR C 68 7.41 12.72 -19.15
CA THR C 68 8.61 12.61 -18.32
C THR C 68 8.58 11.36 -17.42
N CYS C 69 7.61 10.47 -17.63
CA CYS C 69 7.53 9.23 -16.89
C CYS C 69 7.67 8.02 -17.83
N VAL C 70 7.84 6.85 -17.24
CA VAL C 70 7.95 5.64 -18.05
C VAL C 70 7.45 4.42 -17.26
N VAL C 71 6.89 3.46 -18.02
CA VAL C 71 6.55 2.14 -17.52
C VAL C 71 7.34 1.11 -18.29
N ALA C 72 7.62 0.00 -17.61
CA ALA C 72 8.19 -1.18 -18.26
C ALA C 72 7.10 -2.24 -18.31
N GLU C 73 6.65 -2.62 -19.51
CA GLU C 73 5.48 -3.47 -19.70
C GLU C 73 5.97 -4.81 -20.18
N SER C 74 5.56 -5.86 -19.46
CA SER C 74 5.92 -7.23 -19.81
C SER C 74 5.19 -7.68 -21.10
N PRO C 75 5.62 -8.83 -21.69
CA PRO C 75 4.96 -9.37 -22.88
C PRO C 75 3.48 -9.52 -22.71
N GLY C 76 3.03 -9.90 -21.52
CA GLY C 76 1.58 -10.00 -21.25
C GLY C 76 0.87 -8.71 -20.86
N GLY C 77 1.60 -7.58 -20.83
CA GLY C 77 0.98 -6.30 -20.64
C GLY C 77 1.05 -5.88 -19.18
N ARG C 78 1.73 -6.63 -18.33
CA ARG C 78 1.81 -6.29 -16.90
C ARG C 78 2.88 -5.23 -16.66
N ILE C 79 2.64 -4.25 -15.78
CA ILE C 79 3.68 -3.22 -15.47
C ILE C 79 4.61 -3.67 -14.34
N ASP C 80 5.89 -3.92 -14.65
CA ASP C 80 6.82 -4.39 -13.64
C ASP C 80 7.85 -3.30 -13.26
N GLY C 81 7.75 -2.13 -13.88
CA GLY C 81 8.71 -1.04 -13.55
C GLY C 81 8.06 0.28 -13.84
N PHE C 82 8.44 1.32 -13.10
CA PHE C 82 7.85 2.68 -13.32
C PHE C 82 8.87 3.69 -12.77
N VAL C 83 9.00 4.82 -13.46
CA VAL C 83 9.76 5.98 -12.97
C VAL C 83 8.83 7.18 -13.08
N SER C 84 8.65 7.90 -11.97
CA SER C 84 7.95 9.21 -12.05
C SER C 84 9.01 10.28 -12.02
N ALA C 85 8.83 11.29 -12.89
CA ALA C 85 9.84 12.36 -12.92
C ALA C 85 9.17 13.56 -13.57
N TYR C 86 9.80 14.73 -13.44
CA TYR C 86 9.24 15.93 -14.05
C TYR C 86 10.36 16.97 -14.14
N LEU C 87 10.24 17.89 -15.07
CA LEU C 87 11.21 19.01 -15.09
C LEU C 87 10.82 19.97 -13.97
N LEU C 88 11.80 20.59 -13.30
CA LEU C 88 11.42 21.48 -12.21
C LEU C 88 10.83 22.81 -12.78
N PRO C 89 9.64 23.22 -12.31
CA PRO C 89 9.04 24.43 -12.89
C PRO C 89 9.96 25.65 -12.80
N THR C 90 10.73 25.78 -11.72
CA THR C 90 11.57 27.02 -11.59
C THR C 90 12.98 26.80 -12.19
N ARG C 91 13.28 25.56 -12.58
CA ARG C 91 14.63 25.14 -13.04
C ARG C 91 14.48 24.06 -14.13
N PRO C 92 13.91 24.42 -15.29
CA PRO C 92 13.50 23.39 -16.27
C PRO C 92 14.61 22.57 -16.93
N ASP C 93 15.89 22.98 -16.77
CA ASP C 93 17.04 22.18 -17.14
C ASP C 93 17.37 21.06 -16.12
N VAL C 94 16.60 20.98 -15.03
CA VAL C 94 16.79 19.90 -14.04
C VAL C 94 15.58 18.95 -14.13
N LEU C 95 15.86 17.65 -14.33
CA LEU C 95 14.81 16.63 -14.28
C LEU C 95 14.83 16.06 -12.92
N PHE C 96 13.70 16.13 -12.25
CA PHE C 96 13.66 15.61 -10.88
C PHE C 96 12.97 14.27 -10.86
N VAL C 97 13.62 13.23 -10.33
CA VAL C 97 13.02 11.89 -10.28
C VAL C 97 12.40 11.69 -8.88
N TRP C 98 11.12 11.42 -8.87
CA TRP C 98 10.37 11.23 -7.64
C TRP C 98 10.49 9.75 -7.17
N GLN C 99 10.04 8.78 -7.96
CA GLN C 99 10.13 7.38 -7.52
C GLN C 99 10.64 6.50 -8.64
N VAL C 100 11.43 5.47 -8.28
CA VAL C 100 11.85 4.44 -9.22
C VAL C 100 11.41 3.14 -8.58
N ALA C 101 10.49 2.45 -9.24
CA ALA C 101 9.96 1.23 -8.72
C ALA C 101 10.31 0.07 -9.67
N VAL C 102 11.02 -0.95 -9.19
CA VAL C 102 11.28 -2.12 -10.03
C VAL C 102 10.82 -3.32 -9.22
N HIS C 103 9.87 -4.07 -9.77
CA HIS C 103 9.27 -5.19 -9.03
C HIS C 103 10.30 -6.27 -8.74
N SER C 104 10.21 -6.94 -7.60
CA SER C 104 11.14 -8.06 -7.35
C SER C 104 11.12 -9.13 -8.47
N ARG C 105 10.03 -9.26 -9.24
CA ARG C 105 10.08 -10.33 -10.26
C ARG C 105 10.91 -9.88 -11.47
N ALA C 106 11.25 -8.59 -11.55
CA ALA C 106 12.04 -8.01 -12.70
C ALA C 106 13.48 -7.68 -12.34
N ARG C 107 13.98 -8.22 -11.22
CA ARG C 107 15.35 -7.90 -10.82
C ARG C 107 16.37 -8.58 -11.74
N GLY C 108 17.54 -7.96 -11.93
CA GLY C 108 18.53 -8.50 -12.85
C GLY C 108 18.34 -8.14 -14.32
N HIS C 109 17.64 -7.06 -14.62
CA HIS C 109 17.39 -6.68 -16.01
C HIS C 109 17.97 -5.26 -16.16
N ARG C 110 18.63 -4.74 -15.11
CA ARG C 110 18.97 -3.29 -15.00
C ARG C 110 17.80 -2.33 -15.43
N LEU C 111 16.57 -2.66 -15.05
CA LEU C 111 15.41 -1.86 -15.48
C LEU C 111 15.45 -0.45 -14.98
N GLY C 112 15.98 -0.22 -13.77
CA GLY C 112 15.98 1.16 -13.18
C GLY C 112 16.77 2.10 -14.10
N ARG C 113 17.97 1.66 -14.50
CA ARG C 113 18.79 2.48 -15.32
C ARG C 113 18.26 2.60 -16.74
N ALA C 114 17.72 1.50 -17.27
CA ALA C 114 17.06 1.52 -18.59
C ALA C 114 15.88 2.50 -18.62
N MSE C 115 15.07 2.51 -17.56
CA MSE C 115 13.94 3.43 -17.56
C MSE C 115 14.41 4.86 -17.44
O MSE C 115 13.87 5.75 -18.11
CB MSE C 115 13.01 3.10 -16.41
CG MSE C 115 12.25 1.83 -16.69
SE MSE C 115 10.86 1.54 -15.34
CE MSE C 115 12.02 1.28 -13.70
N LEU C 116 15.42 5.11 -16.61
CA LEU C 116 15.96 6.51 -16.51
C LEU C 116 16.58 6.99 -17.84
N GLY C 117 17.33 6.11 -18.48
CA GLY C 117 17.89 6.41 -19.82
C GLY C 117 16.80 6.69 -20.84
N HIS C 118 15.69 5.93 -20.81
CA HIS C 118 14.57 6.16 -21.73
C HIS C 118 13.94 7.55 -21.60
N ILE C 119 13.73 8.01 -20.37
CA ILE C 119 13.23 9.34 -20.13
C ILE C 119 14.23 10.41 -20.61
N LEU C 120 15.49 10.21 -20.27
CA LEU C 120 16.52 11.21 -20.59
C LEU C 120 16.72 11.35 -22.07
N GLU C 121 16.41 10.30 -22.81
CA GLU C 121 16.63 10.34 -24.24
C GLU C 121 15.48 10.97 -25.06
N ARG C 122 14.37 11.28 -24.40
CA ARG C 122 13.25 11.98 -25.08
C ARG C 122 13.52 13.40 -25.55
N GLN C 123 12.80 13.81 -26.60
N GLN C 123 12.83 13.84 -26.60
CA GLN C 123 12.86 15.17 -27.12
CA GLN C 123 13.01 15.21 -27.06
C GLN C 123 12.48 16.19 -26.05
C GLN C 123 12.58 16.18 -25.96
N GLU C 124 11.63 15.77 -25.12
CA GLU C 124 11.18 16.62 -24.02
C GLU C 124 12.30 16.90 -23.01
N CYS C 125 13.33 16.04 -22.97
CA CYS C 125 14.44 16.24 -22.07
C CYS C 125 15.66 16.71 -22.79
N ARG C 126 15.51 17.18 -24.02
CA ARG C 126 16.72 17.64 -24.76
C ARG C 126 17.52 18.75 -24.09
N HIS C 127 16.91 19.57 -23.23
CA HIS C 127 17.71 20.63 -22.58
C HIS C 127 18.07 20.34 -21.12
N VAL C 128 17.85 19.10 -20.72
CA VAL C 128 18.13 18.71 -19.34
C VAL C 128 19.61 18.62 -19.15
N ARG C 129 20.07 19.33 -18.16
CA ARG C 129 21.50 19.40 -17.96
C ARG C 129 21.85 18.67 -16.61
N HIS C 130 20.86 18.48 -15.74
CA HIS C 130 21.10 17.80 -14.44
C HIS C 130 19.90 16.90 -14.13
N LEU C 131 20.14 15.84 -13.39
CA LEU C 131 19.08 14.98 -12.86
C LEU C 131 19.20 15.10 -11.32
N GLU C 132 18.10 15.23 -10.60
CA GLU C 132 18.12 15.34 -9.13
C GLU C 132 17.13 14.30 -8.61
N THR C 133 17.40 13.75 -7.43
CA THR C 133 16.47 12.82 -6.82
C THR C 133 16.88 12.76 -5.38
N THR C 134 16.09 12.14 -4.51
CA THR C 134 16.53 12.02 -3.12
C THR C 134 16.80 10.54 -2.86
N VAL C 135 17.82 10.28 -2.07
CA VAL C 135 18.11 8.94 -1.66
C VAL C 135 17.98 8.96 -0.16
N GLY C 136 16.93 8.26 0.34
CA GLY C 136 16.60 8.17 1.78
C GLY C 136 16.14 6.79 2.28
N PRO C 137 15.65 6.71 3.53
CA PRO C 137 15.33 5.35 4.02
C PRO C 137 14.52 4.50 2.99
N ASP C 138 13.46 5.09 2.43
CA ASP C 138 12.53 4.32 1.63
C ASP C 138 13.06 3.80 0.28
N ASN C 139 14.21 4.33 -0.18
N ASN C 139 14.16 4.35 -0.24
CA ASN C 139 14.79 3.94 -1.48
CA ASN C 139 14.80 3.77 -1.43
C ASN C 139 16.35 3.83 -1.51
C ASN C 139 16.32 3.91 -1.43
N GLN C 140 16.96 3.21 -0.49
CA GLN C 140 18.40 3.25 -0.36
C GLN C 140 19.08 2.42 -1.43
N ALA C 141 18.37 1.40 -1.94
CA ALA C 141 18.75 0.65 -3.16
C ALA C 141 18.80 1.54 -4.44
N SER C 142 18.17 2.72 -4.37
CA SER C 142 18.23 3.72 -5.40
C SER C 142 19.59 4.31 -5.61
N ARG C 143 20.38 4.43 -4.55
CA ARG C 143 21.74 4.93 -4.66
C ARG C 143 22.50 4.23 -5.80
N ARG C 144 22.47 2.90 -5.79
CA ARG C 144 23.16 2.08 -6.81
C ARG C 144 22.64 2.37 -8.25
N THR C 145 21.30 2.41 -8.40
CA THR C 145 20.69 2.86 -9.64
C THR C 145 21.26 4.19 -10.16
N PHE C 146 21.21 5.22 -9.33
CA PHE C 146 21.66 6.56 -9.77
C PHE C 146 23.16 6.71 -9.91
N ALA C 147 23.93 6.15 -8.98
CA ALA C 147 25.39 6.30 -9.10
C ALA C 147 25.86 5.53 -10.35
N GLY C 148 25.24 4.38 -10.57
CA GLY C 148 25.54 3.54 -11.72
C GLY C 148 25.22 4.35 -12.98
N LEU C 149 24.01 4.90 -13.02
CA LEU C 149 23.57 5.76 -14.14
C LEU C 149 24.54 6.88 -14.42
N ALA C 150 24.97 7.61 -13.37
CA ALA C 150 26.00 8.67 -13.52
C ALA C 150 27.27 8.09 -14.14
N GLY C 151 27.71 6.96 -13.60
CA GLY C 151 28.88 6.20 -14.15
C GLY C 151 28.75 5.77 -15.63
N GLU C 152 27.59 5.20 -16.02
CA GLU C 152 27.32 4.77 -17.42
C GLU C 152 27.17 5.95 -18.37
N ARG C 153 26.90 7.14 -17.85
CA ARG C 153 26.78 8.31 -18.74
C ARG C 153 28.01 9.19 -18.71
N GLY C 154 29.02 8.73 -17.98
CA GLY C 154 30.22 9.54 -17.75
C GLY C 154 29.90 10.92 -17.23
N ALA C 155 28.98 11.04 -16.28
CA ALA C 155 28.66 12.32 -15.63
C ALA C 155 29.02 12.27 -14.13
N HIS C 156 29.19 13.43 -13.52
CA HIS C 156 29.49 13.51 -12.09
C HIS C 156 28.24 13.24 -11.24
N VAL C 157 28.43 12.75 -10.01
CA VAL C 157 27.38 12.63 -9.02
C VAL C 157 27.84 13.28 -7.70
N SER C 158 26.97 14.02 -7.02
CA SER C 158 27.24 14.43 -5.62
C SER C 158 25.98 14.28 -4.75
N GLU C 159 26.14 14.19 -3.43
CA GLU C 159 25.04 14.19 -2.50
C GLU C 159 25.22 15.36 -1.55
N GLN C 160 24.11 15.96 -1.14
CA GLN C 160 24.09 16.96 -0.08
C GLN C 160 22.80 16.72 0.70
N PRO C 161 22.75 17.13 1.96
CA PRO C 161 21.52 16.88 2.73
C PRO C 161 20.35 17.55 2.03
N PHE C 162 19.25 16.82 1.90
CA PHE C 162 18.07 17.41 1.27
C PHE C 162 17.58 18.59 2.10
N PHE C 163 17.88 18.63 3.41
N PHE C 163 17.56 18.40 3.43
CA PHE C 163 17.91 19.93 4.15
CA PHE C 163 17.07 19.41 4.41
C PHE C 163 19.30 20.25 4.71
C PHE C 163 17.93 19.52 5.67
N ASP C 175 19.79 9.37 6.58
CA ASP C 175 19.38 10.76 6.28
C ASP C 175 19.08 10.94 4.81
N GLU C 176 18.07 11.77 4.54
N GLU C 176 18.04 11.73 4.51
CA GLU C 176 17.60 12.12 3.19
CA GLU C 176 17.62 12.01 3.13
C GLU C 176 18.64 12.97 2.47
C GLU C 176 18.63 12.94 2.47
N MSE C 177 19.23 12.44 1.41
CA MSE C 177 20.25 13.19 0.68
C MSE C 177 19.71 13.55 -0.68
O MSE C 177 19.06 12.72 -1.32
CB MSE C 177 21.51 12.35 0.48
CG MSE C 177 22.07 11.76 1.78
SE MSE C 177 22.75 13.20 2.86
CE MSE C 177 24.21 13.78 1.74
N LEU C 178 20.04 14.75 -1.15
CA LEU C 178 19.70 15.15 -2.52
C LEU C 178 20.86 14.67 -3.37
N LEU C 179 20.59 13.81 -4.32
CA LEU C 179 21.65 13.37 -5.19
C LEU C 179 21.55 14.21 -6.48
N ARG C 180 22.67 14.67 -7.00
N ARG C 180 22.64 14.77 -7.01
CA ARG C 180 22.73 15.48 -8.22
CA ARG C 180 22.62 15.55 -8.29
C ARG C 180 23.61 14.76 -9.21
C ARG C 180 23.62 14.98 -9.29
N ILE C 181 23.09 14.53 -10.42
CA ILE C 181 23.91 13.96 -11.51
C ILE C 181 24.00 15.00 -12.60
N GLY C 182 25.23 15.26 -13.06
CA GLY C 182 25.45 16.10 -14.24
C GLY C 182 26.71 16.91 -13.98
N PRO C 183 26.97 17.93 -14.83
CA PRO C 183 26.08 18.28 -15.96
C PRO C 183 26.10 17.26 -17.10
N PHE C 184 25.01 17.11 -17.85
CA PHE C 184 25.05 16.33 -19.06
C PHE C 184 25.53 17.25 -20.21
N ARG D 26 -8.54 37.21 8.89
CA ARG D 26 -8.23 36.23 9.99
C ARG D 26 -6.99 35.33 9.68
N TYR D 27 -6.92 34.81 8.46
CA TYR D 27 -5.81 33.96 8.02
C TYR D 27 -4.83 34.73 7.19
N HIS D 28 -3.57 34.39 7.32
CA HIS D 28 -2.57 34.92 6.42
C HIS D 28 -2.32 33.91 5.30
N LEU D 29 -2.56 34.29 4.06
CA LEU D 29 -2.28 33.44 2.90
C LEU D 29 -0.90 33.72 2.36
N ARG D 30 -0.13 32.66 2.15
CA ARG D 30 1.22 32.74 1.59
C ARG D 30 1.60 31.44 0.87
N PRO D 31 2.66 31.49 0.02
CA PRO D 31 3.19 30.24 -0.47
C PRO D 31 3.77 29.42 0.68
N PRO D 32 3.77 28.10 0.54
CA PRO D 32 4.39 27.32 1.61
C PRO D 32 5.92 27.48 1.55
N ARG D 33 6.60 27.25 2.66
CA ARG D 33 8.05 27.27 2.66
C ARG D 33 8.49 25.83 2.59
N ARG D 34 9.74 25.55 2.24
N ARG D 34 9.78 25.62 2.28
CA ARG D 34 10.15 24.16 2.06
CA ARG D 34 10.38 24.29 2.15
C ARG D 34 9.91 23.33 3.32
C ARG D 34 10.00 23.40 3.29
N ASN D 35 9.99 23.96 4.50
CA ASN D 35 9.73 23.20 5.73
C ASN D 35 8.30 23.12 6.27
N ASP D 36 7.31 23.61 5.53
CA ASP D 36 5.90 23.45 5.90
C ASP D 36 5.36 22.07 5.55
N GLY D 37 6.16 21.19 4.95
CA GLY D 37 5.61 19.91 4.51
C GLY D 37 4.97 19.06 5.60
N ALA D 38 5.63 18.97 6.78
CA ALA D 38 5.11 18.14 7.89
C ALA D 38 3.76 18.69 8.35
N ALA D 39 3.67 20.01 8.50
CA ALA D 39 2.39 20.64 8.91
C ALA D 39 1.27 20.46 7.87
N ILE D 40 1.60 20.58 6.59
CA ILE D 40 0.60 20.34 5.55
C ILE D 40 0.13 18.85 5.51
N HIS D 41 1.06 17.90 5.63
CA HIS D 41 0.67 16.46 5.77
C HIS D 41 -0.30 16.25 6.95
N GLN D 42 0.04 16.83 8.10
N GLN D 42 -0.07 16.82 8.12
CA GLN D 42 -0.78 16.91 9.33
CA GLN D 42 -1.04 16.59 9.20
C GLN D 42 -2.20 17.33 8.92
C GLN D 42 -2.35 17.38 9.01
N LEU D 43 -2.30 18.48 8.26
CA LEU D 43 -3.59 19.13 7.94
C LEU D 43 -4.41 18.23 7.03
N VAL D 44 -3.76 17.65 5.99
CA VAL D 44 -4.53 16.80 5.09
C VAL D 44 -5.05 15.57 5.87
N SER D 45 -4.24 15.03 6.81
N SER D 45 -4.24 15.03 6.78
CA SER D 45 -4.64 13.87 7.64
CA SER D 45 -4.67 13.88 7.57
C SER D 45 -5.85 14.18 8.52
C SER D 45 -5.96 14.23 8.30
N GLU D 46 -6.00 15.45 8.84
CA GLU D 46 -7.15 15.91 9.66
C GLU D 46 -8.31 16.40 8.86
N CYS D 47 -8.26 16.27 7.56
CA CYS D 47 -9.37 16.65 6.70
C CYS D 47 -9.87 15.43 5.88
N PRO D 48 -10.28 14.33 6.55
CA PRO D 48 -10.85 13.25 5.77
C PRO D 48 -12.08 13.83 5.03
N PRO D 49 -12.44 13.31 3.85
CA PRO D 49 -11.88 12.11 3.24
C PRO D 49 -10.75 12.37 2.22
N LEU D 50 -10.02 13.49 2.32
CA LEU D 50 -8.94 13.73 1.37
C LEU D 50 -7.95 12.56 1.43
N ASP D 51 -7.48 12.08 0.29
CA ASP D 51 -6.40 11.01 0.32
C ASP D 51 -5.13 11.60 0.97
N LEU D 52 -4.50 10.80 1.79
CA LEU D 52 -3.36 11.27 2.53
C LEU D 52 -2.14 10.69 1.77
N ASN D 53 -1.47 11.55 1.03
CA ASN D 53 -0.28 11.09 0.33
C ASN D 53 0.92 11.00 1.30
N SER D 54 2.09 10.51 0.82
CA SER D 54 3.25 10.32 1.69
C SER D 54 3.71 11.73 2.14
N LEU D 55 4.37 11.77 3.26
CA LEU D 55 4.92 13.08 3.78
C LEU D 55 5.85 13.65 2.68
N TYR D 56 6.67 12.80 2.08
CA TYR D 56 7.58 13.25 1.01
C TYR D 56 6.85 13.95 -0.14
N ALA D 57 5.65 13.44 -0.53
CA ALA D 57 4.88 14.16 -1.55
C ALA D 57 4.61 15.66 -1.21
N TYR D 58 4.19 15.93 0.03
CA TYR D 58 3.98 17.29 0.45
C TYR D 58 5.31 18.07 0.55
N LEU D 59 6.39 17.43 0.99
CA LEU D 59 7.71 18.11 1.02
C LEU D 59 8.07 18.52 -0.41
N LEU D 60 7.80 17.66 -1.39
CA LEU D 60 8.08 18.03 -2.80
C LEU D 60 7.22 19.19 -3.32
N LEU D 61 5.94 19.23 -2.96
CA LEU D 61 5.16 20.36 -3.34
C LEU D 61 5.78 21.66 -2.78
N CYS D 62 6.19 21.62 -1.53
CA CYS D 62 6.81 22.79 -0.93
C CYS D 62 8.15 23.19 -1.55
N GLU D 63 8.94 22.19 -1.91
CA GLU D 63 10.28 22.40 -2.52
C GLU D 63 10.20 22.89 -3.95
N HIS D 64 9.26 22.35 -4.74
CA HIS D 64 9.24 22.49 -6.19
C HIS D 64 8.07 23.31 -6.72
N HIS D 65 6.99 23.35 -5.98
CA HIS D 65 5.76 24.00 -6.47
C HIS D 65 5.25 25.12 -5.61
N ALA D 66 6.11 25.71 -4.79
CA ALA D 66 5.64 26.71 -3.79
C ALA D 66 4.88 27.86 -4.48
N HIS D 67 5.38 28.27 -5.65
N HIS D 67 5.37 28.28 -5.65
CA HIS D 67 4.80 29.42 -6.37
CA HIS D 67 4.76 29.43 -6.38
C HIS D 67 3.36 29.18 -6.86
C HIS D 67 3.31 29.19 -6.79
N THR D 68 2.90 27.92 -6.88
CA THR D 68 1.52 27.62 -7.29
C THR D 68 0.69 27.00 -6.17
N CYS D 69 1.21 27.01 -4.94
CA CYS D 69 0.51 26.39 -3.78
C CYS D 69 0.30 27.48 -2.78
N VAL D 70 -0.56 27.22 -1.80
CA VAL D 70 -0.78 28.23 -0.76
C VAL D 70 -1.14 27.60 0.59
N VAL D 71 -0.70 28.24 1.67
CA VAL D 71 -1.19 27.86 2.98
C VAL D 71 -1.89 29.06 3.63
N ALA D 72 -2.85 28.75 4.50
CA ALA D 72 -3.57 29.72 5.29
C ALA D 72 -3.07 29.47 6.71
N GLU D 73 -2.41 30.47 7.24
CA GLU D 73 -1.81 30.41 8.56
C GLU D 73 -2.60 31.26 9.54
N SER D 74 -2.97 30.70 10.68
CA SER D 74 -3.70 31.42 11.71
C SER D 74 -2.76 32.35 12.48
N PRO D 75 -3.33 33.28 13.29
CA PRO D 75 -2.51 34.10 14.16
C PRO D 75 -1.59 33.28 15.05
N GLY D 76 -2.06 32.13 15.55
CA GLY D 76 -1.24 31.22 16.36
C GLY D 76 -0.28 30.29 15.63
N GLY D 77 -0.19 30.44 14.31
CA GLY D 77 0.81 29.74 13.53
C GLY D 77 0.32 28.39 13.04
N ARG D 78 -0.97 28.12 13.16
CA ARG D 78 -1.54 26.86 12.72
C ARG D 78 -1.79 26.96 11.24
N ILE D 79 -1.51 25.90 10.52
CA ILE D 79 -1.86 25.84 9.12
C ILE D 79 -3.23 25.16 8.97
N ASP D 80 -4.23 25.99 8.66
CA ASP D 80 -5.59 25.47 8.61
C ASP D 80 -6.18 25.33 7.20
N GLY D 81 -5.43 25.74 6.20
CA GLY D 81 -5.88 25.65 4.82
C GLY D 81 -4.63 25.34 4.02
N PHE D 82 -4.81 24.63 2.92
CA PHE D 82 -3.75 24.34 1.97
C PHE D 82 -4.38 24.08 0.61
N VAL D 83 -3.77 24.62 -0.42
CA VAL D 83 -4.10 24.15 -1.75
C VAL D 83 -2.82 23.76 -2.45
N SER D 84 -2.79 22.56 -3.06
CA SER D 84 -1.72 22.19 -3.98
C SER D 84 -2.21 22.35 -5.41
N ALA D 85 -1.36 22.90 -6.28
CA ALA D 85 -1.77 23.17 -7.67
C ALA D 85 -0.48 23.34 -8.47
N TYR D 86 -0.55 23.20 -9.80
CA TYR D 86 0.64 23.36 -10.64
C TYR D 86 0.12 23.63 -12.04
N LEU D 87 0.93 24.33 -12.82
CA LEU D 87 0.59 24.53 -14.24
C LEU D 87 0.80 23.21 -14.97
N LEU D 88 -0.06 22.91 -15.93
CA LEU D 88 0.10 21.67 -16.69
C LEU D 88 1.29 21.84 -17.61
N PRO D 89 2.29 20.95 -17.51
CA PRO D 89 3.41 21.05 -18.43
C PRO D 89 3.03 21.08 -19.91
N THR D 90 2.00 20.32 -20.33
CA THR D 90 1.67 20.30 -21.73
C THR D 90 0.66 21.40 -22.10
N ARG D 91 0.04 22.05 -21.12
CA ARG D 91 -0.97 23.10 -21.38
C ARG D 91 -0.78 24.13 -20.32
N PRO D 92 0.27 24.95 -20.45
CA PRO D 92 0.66 25.88 -19.38
C PRO D 92 -0.32 27.02 -19.00
N ASP D 93 -1.37 27.25 -19.80
CA ASP D 93 -2.43 28.19 -19.43
C ASP D 93 -3.48 27.53 -18.51
N VAL D 94 -3.29 26.27 -18.10
CA VAL D 94 -4.20 25.59 -17.20
C VAL D 94 -3.48 25.40 -15.85
N LEU D 95 -4.07 25.90 -14.77
CA LEU D 95 -3.61 25.59 -13.45
C LEU D 95 -4.43 24.40 -12.97
N PHE D 96 -3.74 23.30 -12.67
CA PHE D 96 -4.43 22.13 -12.13
C PHE D 96 -4.42 22.11 -10.60
N VAL D 97 -5.61 22.02 -10.00
CA VAL D 97 -5.69 22.02 -8.52
C VAL D 97 -5.79 20.57 -8.08
N TRP D 98 -4.81 20.16 -7.30
CA TRP D 98 -4.77 18.76 -6.83
C TRP D 98 -5.59 18.57 -5.57
N GLN D 99 -5.19 19.17 -4.45
CA GLN D 99 -5.96 19.00 -3.20
C GLN D 99 -6.34 20.34 -2.61
N VAL D 100 -7.55 20.46 -2.04
CA VAL D 100 -7.91 21.66 -1.25
C VAL D 100 -8.27 21.21 0.16
N ALA D 101 -7.51 21.65 1.17
CA ALA D 101 -7.78 21.21 2.51
C ALA D 101 -8.11 22.44 3.36
N VAL D 102 -9.24 22.37 4.05
CA VAL D 102 -9.64 23.40 4.96
C VAL D 102 -10.03 22.67 6.24
N HIS D 103 -9.33 22.98 7.33
CA HIS D 103 -9.60 22.35 8.59
C HIS D 103 -11.02 22.70 9.03
N SER D 104 -11.68 21.77 9.73
CA SER D 104 -13.03 22.04 10.24
C SER D 104 -13.11 23.33 11.04
N ARG D 105 -12.07 23.64 11.80
N ARG D 105 -12.07 23.64 11.80
CA ARG D 105 -12.06 24.86 12.60
CA ARG D 105 -12.08 24.87 12.61
C ARG D 105 -12.03 26.13 11.73
C ARG D 105 -12.00 26.15 11.74
N ALA D 106 -11.62 25.99 10.47
CA ALA D 106 -11.57 27.14 9.51
C ALA D 106 -12.79 27.22 8.59
N ARG D 107 -13.73 26.30 8.74
CA ARG D 107 -14.86 26.20 7.82
C ARG D 107 -15.87 27.35 8.08
N GLY D 108 -16.56 27.78 7.02
CA GLY D 108 -17.43 28.96 7.10
C GLY D 108 -16.76 30.33 6.89
N HIS D 109 -15.59 30.35 6.26
CA HIS D 109 -14.89 31.61 5.98
C HIS D 109 -14.69 31.77 4.46
N ARG D 110 -15.27 30.89 3.64
CA ARG D 110 -14.91 30.80 2.20
C ARG D 110 -13.37 30.80 1.99
N LEU D 111 -12.68 30.06 2.85
CA LEU D 111 -11.25 30.03 2.79
C LEU D 111 -10.80 29.31 1.52
N GLY D 112 -11.50 28.27 1.09
CA GLY D 112 -11.11 27.57 -0.16
C GLY D 112 -11.02 28.53 -1.37
N ARG D 113 -12.11 29.25 -1.60
CA ARG D 113 -12.24 30.36 -2.57
C ARG D 113 -11.16 31.41 -2.43
N ALA D 114 -10.92 31.84 -1.19
CA ALA D 114 -9.85 32.79 -0.94
C ALA D 114 -8.46 32.27 -1.39
N MSE D 115 -8.18 30.98 -1.11
CA MSE D 115 -6.91 30.41 -1.42
C MSE D 115 -6.70 30.27 -2.91
O MSE D 115 -5.64 30.61 -3.39
CB MSE D 115 -6.77 29.03 -0.74
CG MSE D 115 -6.52 29.26 0.76
SE MSE D 115 -5.95 27.58 1.66
CE MSE D 115 -7.56 26.47 1.43
N LEU D 116 -7.72 29.80 -3.63
CA LEU D 116 -7.65 29.66 -5.12
C LEU D 116 -7.42 31.02 -5.77
N GLY D 117 -8.21 32.00 -5.34
CA GLY D 117 -8.07 33.40 -5.82
C GLY D 117 -6.67 33.94 -5.58
N HIS D 118 -6.15 33.73 -4.36
CA HIS D 118 -4.74 34.09 -4.05
C HIS D 118 -3.71 33.51 -5.05
N ILE D 119 -3.80 32.21 -5.37
CA ILE D 119 -2.88 31.60 -6.32
C ILE D 119 -3.01 32.24 -7.71
N LEU D 120 -4.26 32.32 -8.16
CA LEU D 120 -4.60 32.88 -9.50
C LEU D 120 -4.08 34.29 -9.73
N GLU D 121 -3.94 35.06 -8.67
CA GLU D 121 -3.53 36.44 -8.79
C GLU D 121 -2.02 36.68 -8.73
N ARG D 122 -1.23 35.62 -8.63
CA ARG D 122 0.24 35.72 -8.60
C ARG D 122 0.82 35.94 -9.97
N GLN D 123 1.97 36.59 -10.04
CA GLN D 123 2.61 36.81 -11.32
C GLN D 123 2.96 35.49 -12.02
N GLU D 124 3.21 34.43 -11.26
CA GLU D 124 3.44 33.12 -11.84
C GLU D 124 2.23 32.59 -12.60
N CYS D 125 1.04 33.05 -12.23
CA CYS D 125 -0.19 32.60 -12.85
C CYS D 125 -0.77 33.62 -13.85
N ARG D 126 0.03 34.60 -14.24
CA ARG D 126 -0.48 35.70 -15.10
C ARG D 126 -1.00 35.27 -16.46
N HIS D 127 -0.58 34.09 -16.93
CA HIS D 127 -1.08 33.58 -18.22
C HIS D 127 -2.08 32.42 -18.06
N VAL D 128 -2.46 32.15 -16.82
CA VAL D 128 -3.48 31.13 -16.56
C VAL D 128 -4.84 31.61 -17.05
N ARG D 129 -5.46 30.82 -17.94
CA ARG D 129 -6.83 31.12 -18.44
C ARG D 129 -7.86 30.12 -17.90
N HIS D 130 -7.41 28.94 -17.47
CA HIS D 130 -8.38 27.98 -16.97
C HIS D 130 -7.84 27.23 -15.76
N LEU D 131 -8.74 26.78 -14.86
CA LEU D 131 -8.42 25.85 -13.74
C LEU D 131 -9.03 24.49 -14.05
N GLU D 132 -8.31 23.43 -13.74
CA GLU D 132 -8.88 22.07 -13.85
C GLU D 132 -8.69 21.35 -12.53
N THR D 133 -9.62 20.46 -12.18
CA THR D 133 -9.52 19.73 -10.93
C THR D 133 -10.48 18.55 -11.02
N THR D 134 -10.46 17.60 -10.10
CA THR D 134 -11.47 16.55 -10.19
C THR D 134 -12.31 16.54 -8.94
N VAL D 135 -13.55 16.07 -9.08
CA VAL D 135 -14.44 15.93 -7.94
C VAL D 135 -15.10 14.53 -7.99
N GLN D 140 -15.48 16.17 -3.44
CA GLN D 140 -16.88 16.35 -3.83
C GLN D 140 -17.51 17.66 -3.32
N ALA D 141 -17.42 17.89 -2.01
CA ALA D 141 -18.16 19.00 -1.36
C ALA D 141 -17.73 20.41 -1.82
N SER D 142 -16.44 20.52 -2.18
CA SER D 142 -15.78 21.70 -2.71
C SER D 142 -16.16 22.06 -4.17
N ARG D 143 -17.01 21.25 -4.80
CA ARG D 143 -17.66 21.63 -6.05
C ARG D 143 -18.21 23.02 -5.87
N ARG D 144 -18.51 23.35 -4.61
CA ARG D 144 -19.02 24.65 -4.23
C ARG D 144 -17.94 25.73 -4.24
N THR D 145 -16.71 25.35 -3.90
CA THR D 145 -15.58 26.27 -3.90
C THR D 145 -15.38 26.77 -5.32
N PHE D 146 -15.35 25.82 -6.23
CA PHE D 146 -15.05 26.08 -7.63
C PHE D 146 -16.15 26.88 -8.32
N ALA D 147 -17.42 26.55 -8.03
CA ALA D 147 -18.53 27.31 -8.59
C ALA D 147 -18.53 28.71 -7.97
N GLY D 148 -18.19 28.78 -6.68
CA GLY D 148 -18.08 30.07 -6.01
C GLY D 148 -17.01 30.92 -6.66
N LEU D 149 -15.83 30.34 -6.86
CA LEU D 149 -14.74 31.03 -7.55
C LEU D 149 -15.12 31.54 -8.96
N ALA D 150 -15.74 30.65 -9.73
CA ALA D 150 -16.15 30.95 -11.10
C ALA D 150 -17.10 32.13 -11.14
N GLY D 151 -18.14 32.11 -10.30
CA GLY D 151 -19.13 33.18 -10.21
C GLY D 151 -18.53 34.57 -10.05
N GLU D 152 -17.61 34.80 -9.11
N GLU D 152 -17.62 34.68 -9.08
CA GLU D 152 -17.05 36.17 -8.95
CA GLU D 152 -16.92 35.91 -8.72
C GLU D 152 -16.25 36.64 -10.19
C GLU D 152 -16.19 36.55 -9.91
N ARG D 153 -15.64 35.68 -10.87
N ARG D 153 -15.65 35.71 -10.81
CA ARG D 153 -14.67 35.97 -11.93
CA ARG D 153 -14.74 36.17 -11.88
C ARG D 153 -15.20 35.86 -13.37
C ARG D 153 -15.25 36.09 -13.35
N GLY D 154 -16.52 35.72 -13.51
CA GLY D 154 -17.14 35.60 -14.85
C GLY D 154 -16.83 34.30 -15.56
N ALA D 155 -16.29 33.29 -14.84
CA ALA D 155 -15.87 32.03 -15.48
C ALA D 155 -17.05 31.08 -15.42
N HIS D 156 -16.99 29.96 -16.12
N HIS D 156 -16.91 29.92 -16.08
CA HIS D 156 -18.01 28.95 -15.89
CA HIS D 156 -17.98 28.93 -16.21
C HIS D 156 -17.35 27.63 -15.61
C HIS D 156 -17.38 27.56 -15.85
N VAL D 157 -18.20 26.67 -15.28
CA VAL D 157 -17.75 25.33 -14.89
C VAL D 157 -18.36 24.31 -15.84
N SER D 158 -17.52 23.50 -16.44
CA SER D 158 -18.04 22.33 -17.18
C SER D 158 -17.42 21.08 -16.55
N GLU D 159 -18.15 19.96 -16.70
CA GLU D 159 -17.79 18.67 -16.11
C GLU D 159 -17.75 17.57 -17.18
N GLN D 160 -16.73 16.73 -17.16
CA GLN D 160 -16.71 15.60 -18.10
C GLN D 160 -16.15 14.41 -17.36
N PRO D 161 -16.46 13.19 -17.82
CA PRO D 161 -15.85 12.04 -17.16
C PRO D 161 -14.33 12.07 -17.26
N PHE D 162 -13.64 11.71 -16.19
CA PHE D 162 -12.17 11.71 -16.23
C PHE D 162 -11.69 10.27 -16.07
N ASP D 175 -16.35 7.54 -8.68
CA ASP D 175 -16.09 8.13 -10.01
C ASP D 175 -15.61 9.58 -9.93
N GLU D 176 -14.64 9.92 -10.75
CA GLU D 176 -14.11 11.26 -10.73
C GLU D 176 -14.53 11.94 -12.03
N MSE D 177 -15.04 13.15 -11.89
CA MSE D 177 -15.37 13.99 -13.02
C MSE D 177 -14.28 15.06 -13.07
O MSE D 177 -13.86 15.56 -12.01
CB MSE D 177 -16.71 14.66 -12.74
CG MSE D 177 -17.85 13.72 -12.55
SE MSE D 177 -18.24 12.79 -14.20
CE MSE D 177 -18.95 14.26 -15.22
N LEU D 178 -13.85 15.40 -14.27
CA LEU D 178 -12.93 16.50 -14.48
C LEU D 178 -13.73 17.78 -14.61
N LEU D 179 -13.49 18.70 -13.70
CA LEU D 179 -14.05 20.03 -13.73
C LEU D 179 -13.10 20.99 -14.40
N ARG D 180 -13.59 21.79 -15.34
CA ARG D 180 -12.80 22.77 -16.02
C ARG D 180 -13.53 24.09 -15.80
N ILE D 181 -12.79 25.06 -15.32
CA ILE D 181 -13.34 26.33 -14.95
C ILE D 181 -12.60 27.42 -15.70
N GLY D 182 -13.34 28.33 -16.31
CA GLY D 182 -12.74 29.49 -16.96
C GLY D 182 -13.74 30.08 -17.98
N PRO D 183 -13.31 31.02 -18.78
CA PRO D 183 -11.96 31.55 -18.77
C PRO D 183 -11.77 32.57 -17.65
N PHE D 184 -10.52 32.81 -17.27
CA PHE D 184 -10.18 33.88 -16.31
C PHE D 184 -9.39 34.93 -17.05
N THR D 185 -9.58 36.21 -16.66
CA THR D 185 -8.90 37.32 -17.30
C THR D 185 -8.08 37.94 -16.19
N HIS D 186 -6.90 38.41 -16.53
CA HIS D 186 -6.08 39.13 -15.53
C HIS D 186 -6.03 40.67 -15.77
S SO4 E . -17.30 11.50 11.77
O1 SO4 E . -17.14 10.51 10.68
O2 SO4 E . -18.34 12.45 11.37
O3 SO4 E . -17.68 10.88 13.05
O4 SO4 E . -16.04 12.24 11.92
S SO4 F . 3.71 6.70 24.34
O1 SO4 F . 3.96 5.30 24.74
O2 SO4 F . 2.81 6.75 23.18
O3 SO4 F . 3.15 7.33 25.55
O4 SO4 F . 4.94 7.43 23.93
S SO4 G . -2.00 7.34 21.11
O1 SO4 G . -2.41 6.36 20.09
O2 SO4 G . -1.44 8.49 20.37
O3 SO4 G . -3.10 7.79 22.00
O4 SO4 G . -1.04 6.68 21.98
C1 GOL H . -9.44 4.38 6.40
O1 GOL H . -10.64 4.10 5.76
C2 GOL H . -9.40 5.88 6.66
O2 GOL H . -9.26 6.14 8.04
C3 GOL H . -8.14 6.40 6.03
O3 GOL H . -8.16 7.78 6.30
C1 GOL I . 7.35 4.41 18.20
O1 GOL I . 8.19 4.17 19.34
C2 GOL I . 6.69 3.16 17.68
O2 GOL I . 6.54 2.12 18.64
C3 GOL I . 5.28 3.54 17.40
O3 GOL I . 4.59 2.34 17.72
S SO4 J . -1.94 -28.37 -11.68
O1 SO4 J . -1.70 -29.21 -12.86
O2 SO4 J . -3.12 -27.55 -11.99
O3 SO4 J . -2.30 -29.21 -10.56
O4 SO4 J . -0.72 -27.58 -11.39
S SO4 K . 0.75 -27.58 -14.73
O1 SO4 K . 0.91 -29.05 -14.70
O2 SO4 K . -0.65 -27.27 -14.95
O3 SO4 K . 1.17 -26.95 -13.46
O4 SO4 K . 1.54 -27.07 -15.85
S SO4 L . 17.23 -27.84 -9.47
O1 SO4 L . 17.23 -29.00 -8.58
O2 SO4 L . 16.53 -28.19 -10.70
O3 SO4 L . 16.57 -26.68 -8.87
O4 SO4 L . 18.62 -27.45 -9.69
S SO4 M . 4.50 -33.69 5.27
O1 SO4 M . 5.60 -34.25 4.45
O2 SO4 M . 4.11 -32.42 4.65
O3 SO4 M . 3.29 -34.53 5.32
O4 SO4 M . 5.00 -33.46 6.62
C1 GOL N . 14.07 -23.66 10.09
O1 GOL N . 13.77 -22.46 9.40
C2 GOL N . 14.86 -24.56 9.22
O2 GOL N . 14.79 -25.70 10.05
C3 GOL N . 16.30 -24.09 9.32
O3 GOL N . 16.69 -23.96 7.93
S SO4 O . 5.27 -12.12 -18.50
O1 SO4 O . 4.70 -13.08 -17.57
O2 SO4 O . 4.18 -11.17 -18.87
O3 SO4 O . 6.44 -11.51 -17.88
O4 SO4 O . 5.84 -12.80 -19.65
S SO4 P . 18.88 -1.02 -11.81
O1 SO4 P . 19.82 -2.14 -11.90
O2 SO4 P . 19.17 -0.34 -13.06
O3 SO4 P . 17.50 -1.58 -11.71
O4 SO4 P . 19.16 -0.24 -10.63
S SO4 Q . 26.11 -3.23 -11.91
O1 SO4 Q . 27.21 -4.17 -12.13
O2 SO4 Q . 24.97 -3.71 -12.70
O3 SO4 Q . 25.74 -3.20 -10.47
O4 SO4 Q . 26.53 -1.88 -12.34
C1 GOL R . 1.66 -4.45 -12.09
O1 GOL R . 0.51 -3.91 -11.54
C2 GOL R . 2.45 -4.98 -10.92
O2 GOL R . 3.50 -5.74 -11.45
C3 GOL R . 1.60 -5.93 -10.11
O3 GOL R . 2.45 -7.00 -9.74
S SO4 S . -5.31 30.21 16.36
O1 SO4 S . -4.88 29.05 15.55
O2 SO4 S . -6.77 30.29 16.33
O3 SO4 S . -4.82 29.89 17.70
O4 SO4 S . -4.72 31.43 15.83
S SO4 T . -15.09 27.56 0.11
O1 SO4 T . -14.92 26.36 -0.69
O2 SO4 T . -16.55 27.75 0.17
O3 SO4 T . -14.57 27.34 1.47
O4 SO4 T . -14.44 28.72 -0.51
N DAB U . 4.27 17.36 -9.61
CA DAB U . 3.56 16.80 -8.42
C DAB U . 4.58 16.65 -7.25
O DAB U . 4.45 15.86 -6.23
CB DAB U . 2.94 15.55 -9.03
CG DAB U . 1.51 15.81 -9.62
ND DAB U . 1.18 15.09 -10.83
OXT DAB U . 5.67 17.36 -7.18
N DAB V . -4.07 -16.50 10.04
CA DAB V . -3.59 -15.93 8.67
C DAB V . -2.10 -15.53 8.73
O DAB V . -1.18 -16.09 9.40
CB DAB V . -4.44 -14.77 8.22
CG DAB V . -5.20 -15.14 6.93
ND DAB V . -6.63 -14.84 7.02
OXT DAB V . -1.65 -14.56 8.04
#